data_3MJM
#
_entry.id   3MJM
#
_cell.length_a   51.115
_cell.length_b   79.063
_cell.length_c   180.436
_cell.angle_alpha   90.00
_cell.angle_beta   90.00
_cell.angle_gamma   90.00
#
_symmetry.space_group_name_H-M   'P 21 21 21'
#
loop_
_entity.id
_entity.type
_entity.pdbx_description
1 polymer Dihydroorotase
2 non-polymer 'ZINC ION'
3 non-polymer '(4S)-2,6-DIOXOHEXAHYDROPYRIMIDINE-4-CARBOXYLIC ACID'
4 non-polymer N-CARBAMOYL-L-ASPARTATE
5 non-polymer 'PHOSPHORIC ACID MONO(FORMAMIDE)ESTER'
6 water water
#
_entity_poly.entity_id   1
_entity_poly.type   'polypeptide(L)'
_entity_poly.pdbx_seq_one_letter_code
;TAPSQVLKIRRPDDWHLHLRDGDMLKTVVPYTSEIYGRAIVMPNLAPPVTTVEAAVAYRQRILDAVPAGHDFTPLMTCYL
TDSLDPNELERGFNEGVFTAA(KCX)LYPANATTNSSHGVTSVDAIMPVLERMEKIGMPLLVHGEVTHADIDIFDREARF
IESVMEPLRQRLTALKVVFEHITTKDAADYVRDGNERLAATITPQHLMFNRNHMLVGGVRPHLYCLPILKRNIHQQALRE
LVASGFNRVFLGTDSAPHARARKESSCGCAGCFNAPTALGSYATVFEEMNALQHFEAFCSVNGPQFYGLPVNDTFIELVR
EEQQVAESIALTDDTLVPFLAGETVRWSVKQ
;
_entity_poly.pdbx_strand_id   A,B
#
# COMPACT_ATOMS: atom_id res chain seq x y z
N PRO A 3 35.68 14.55 17.55
CA PRO A 3 34.76 15.65 17.26
C PRO A 3 33.84 15.32 16.09
N SER A 4 32.54 15.38 16.33
CA SER A 4 31.54 15.08 15.29
C SER A 4 31.66 16.03 14.10
N GLN A 5 31.54 15.46 12.91
CA GLN A 5 31.60 16.20 11.66
C GLN A 5 30.48 17.24 11.57
N VAL A 6 30.85 18.45 11.14
CA VAL A 6 29.90 19.53 10.95
C VAL A 6 29.70 19.78 9.45
N LEU A 7 28.44 20.06 9.09
CA LEU A 7 28.06 20.45 7.73
CA LEU A 7 28.06 20.43 7.74
C LEU A 7 27.38 21.80 7.82
N LYS A 8 28.07 22.84 7.38
CA LYS A 8 27.54 24.20 7.41
C LYS A 8 27.02 24.56 6.03
N ILE A 9 25.79 25.06 5.97
CA ILE A 9 25.13 25.48 4.73
C ILE A 9 24.46 26.85 4.91
N ARG A 10 24.33 27.58 3.82
CA ARG A 10 23.44 28.70 3.80
C ARG A 10 22.08 28.18 4.23
N ARG A 11 21.36 29.03 4.98
CA ARG A 11 20.05 28.66 5.46
CA ARG A 11 20.07 28.64 5.46
C ARG A 11 19.21 28.16 4.30
N PRO A 12 18.55 26.99 4.48
CA PRO A 12 17.79 26.43 3.41
C PRO A 12 16.40 27.05 3.34
N ASP A 13 15.66 26.66 2.31
CA ASP A 13 14.24 26.99 2.14
C ASP A 13 13.52 25.71 1.74
N ASP A 14 12.22 25.66 2.03
CA ASP A 14 11.38 24.53 1.65
C ASP A 14 10.44 24.97 0.53
N TRP A 15 10.68 24.42 -0.68
CA TRP A 15 9.97 24.78 -1.88
C TRP A 15 8.66 24.03 -2.06
N HIS A 16 8.24 23.25 -1.06
CA HIS A 16 6.94 22.58 -1.12
C HIS A 16 6.46 22.15 0.26
N LEU A 17 5.56 22.96 0.83
CA LEU A 17 5.14 22.77 2.20
C LEU A 17 3.63 22.88 2.45
N HIS A 18 3.12 21.99 3.30
CA HIS A 18 1.78 22.08 3.83
C HIS A 18 1.81 22.45 5.31
N LEU A 19 1.22 23.61 5.60
CA LEU A 19 1.10 24.15 6.97
C LEU A 19 -0.28 24.06 7.62
N ARG A 20 -1.29 23.68 6.83
CA ARG A 20 -2.65 23.50 7.31
C ARG A 20 -3.13 24.83 7.92
N ASP A 21 -4.03 24.75 8.88
CA ASP A 21 -4.57 26.01 9.45
C ASP A 21 -4.93 25.74 10.89
N GLY A 22 -5.41 26.78 11.57
CA GLY A 22 -5.96 26.58 12.91
C GLY A 22 -4.91 26.11 13.87
N ASP A 23 -5.31 25.21 14.76
CA ASP A 23 -4.43 24.67 15.80
C ASP A 23 -3.29 23.83 15.21
N MET A 24 -3.60 23.10 14.16
CA MET A 24 -2.56 22.28 13.51
C MET A 24 -1.39 23.15 12.97
N LEU A 25 -1.74 24.21 12.24
CA LEU A 25 -0.78 25.24 11.84
C LEU A 25 0.07 25.74 13.01
N LYS A 26 -0.53 26.08 14.17
CA LYS A 26 0.26 26.54 15.32
C LYS A 26 1.32 25.50 15.77
N THR A 27 0.95 24.24 15.74
CA THR A 27 1.85 23.16 16.16
C THR A 27 2.97 22.93 15.13
N VAL A 28 2.62 22.95 13.85
CA VAL A 28 3.60 22.54 12.83
C VAL A 28 4.53 23.65 12.31
N VAL A 29 4.10 24.91 12.37
CA VAL A 29 4.93 25.96 11.83
C VAL A 29 6.34 26.00 12.46
N PRO A 30 6.44 25.91 13.79
CA PRO A 30 7.79 26.05 14.36
C PRO A 30 8.82 25.06 13.80
N TYR A 31 8.37 23.90 13.34
CA TYR A 31 9.30 22.89 12.83
C TYR A 31 9.92 23.35 11.51
N THR A 32 9.21 24.25 10.81
CA THR A 32 9.71 24.84 9.58
C THR A 32 10.47 26.11 9.89
N SER A 33 9.88 27.01 10.71
CA SER A 33 10.43 28.33 10.86
C SER A 33 11.76 28.37 11.60
N GLU A 34 12.01 27.38 12.43
CA GLU A 34 13.28 27.28 13.13
C GLU A 34 14.47 27.12 12.18
N ILE A 35 14.24 26.51 11.02
CA ILE A 35 15.31 26.05 10.13
C ILE A 35 15.32 26.74 8.77
N TYR A 36 14.15 26.90 8.15
CA TYR A 36 14.04 27.43 6.80
C TYR A 36 13.78 28.93 6.77
N GLY A 37 14.43 29.63 5.84
CA GLY A 37 14.24 31.09 5.66
C GLY A 37 12.88 31.42 5.07
N ARG A 38 12.51 30.64 4.08
CA ARG A 38 11.27 30.73 3.37
C ARG A 38 10.76 29.35 3.04
N ALA A 39 9.44 29.28 2.81
CA ALA A 39 8.81 28.08 2.26
C ALA A 39 7.66 28.46 1.33
N ILE A 40 7.52 27.66 0.26
CA ILE A 40 6.36 27.67 -0.61
C ILE A 40 5.19 27.02 0.15
N VAL A 41 4.20 27.83 0.53
CA VAL A 41 3.10 27.32 1.30
C VAL A 41 1.92 26.96 0.39
N MET A 42 1.56 25.67 0.36
CA MET A 42 0.58 25.18 -0.61
C MET A 42 -0.81 25.64 -0.24
N PRO A 43 -1.77 25.66 -1.20
CA PRO A 43 -3.03 26.37 -0.99
C PRO A 43 -4.22 25.47 -0.73
N ASN A 44 -3.98 24.17 -0.52
CA ASN A 44 -5.05 23.19 -0.42
C ASN A 44 -5.72 23.13 0.94
N LEU A 45 -6.15 24.30 1.40
CA LEU A 45 -6.98 24.34 2.58
C LEU A 45 -8.43 23.95 2.22
N ALA A 46 -9.28 23.85 3.25
CA ALA A 46 -10.72 23.64 3.10
C ALA A 46 -11.50 24.82 3.70
N PRO A 47 -11.95 25.76 2.88
CA PRO A 47 -11.84 25.84 1.42
C PRO A 47 -10.44 26.28 0.95
N PRO A 48 -10.10 25.99 -0.31
CA PRO A 48 -8.77 26.33 -0.79
C PRO A 48 -8.51 27.83 -0.90
N VAL A 49 -7.23 28.20 -0.89
CA VAL A 49 -6.78 29.60 -1.06
C VAL A 49 -6.80 29.93 -2.56
N THR A 50 -7.83 30.67 -2.97
CA THR A 50 -8.04 31.01 -4.39
C THR A 50 -8.23 32.50 -4.63
N THR A 51 -8.03 33.30 -3.59
CA THR A 51 -8.12 34.74 -3.71
C THR A 51 -6.99 35.42 -2.99
N VAL A 52 -6.71 36.65 -3.44
CA VAL A 52 -5.68 37.45 -2.79
C VAL A 52 -6.00 37.66 -1.29
N GLU A 53 -7.27 37.97 -0.99
CA GLU A 53 -7.67 38.27 0.40
C GLU A 53 -7.49 37.10 1.35
N ALA A 54 -7.83 35.90 0.90
CA ALA A 54 -7.62 34.69 1.68
C ALA A 54 -6.14 34.34 1.85
N ALA A 55 -5.34 34.59 0.82
CA ALA A 55 -3.89 34.40 0.92
C ALA A 55 -3.27 35.37 1.90
N VAL A 56 -3.74 36.61 1.88
CA VAL A 56 -3.24 37.60 2.82
C VAL A 56 -3.57 37.20 4.24
N ALA A 57 -4.82 36.83 4.51
CA ALA A 57 -5.23 36.42 5.85
C ALA A 57 -4.48 35.17 6.31
N TYR A 58 -4.30 34.22 5.39
CA TYR A 58 -3.60 32.99 5.74
C TYR A 58 -2.15 33.27 6.10
N ARG A 59 -1.51 34.10 5.31
CA ARG A 59 -0.12 34.53 5.57
C ARG A 59 -0.01 35.07 6.98
N GLN A 60 -0.93 35.95 7.36
CA GLN A 60 -0.88 36.52 8.71
C GLN A 60 -1.09 35.49 9.79
N ARG A 61 -1.95 34.48 9.55
CA ARG A 61 -2.18 33.43 10.53
C ARG A 61 -0.87 32.67 10.71
N ILE A 62 -0.21 32.40 9.60
CA ILE A 62 1.12 31.80 9.64
C ILE A 62 2.16 32.62 10.40
N LEU A 63 2.22 33.93 10.12
CA LEU A 63 3.17 34.81 10.80
C LEU A 63 2.89 34.92 12.32
N ASP A 64 1.61 34.99 12.71
CA ASP A 64 1.19 34.87 14.11
C ASP A 64 1.74 33.65 14.80
N ALA A 65 1.85 32.52 14.09
CA ALA A 65 2.30 31.26 14.69
C ALA A 65 3.82 31.01 14.68
N VAL A 66 4.57 31.91 14.06
CA VAL A 66 6.02 31.82 14.09
C VAL A 66 6.60 32.23 15.44
N PRO A 67 7.35 31.33 16.09
CA PRO A 67 7.91 31.71 17.38
C PRO A 67 8.86 32.90 17.29
N ALA A 68 8.91 33.68 18.37
CA ALA A 68 9.69 34.90 18.40
C ALA A 68 11.14 34.66 17.99
N GLY A 69 11.60 35.48 17.05
CA GLY A 69 12.99 35.47 16.64
C GLY A 69 13.32 34.56 15.47
N HIS A 70 12.40 33.68 15.07
CA HIS A 70 12.63 32.90 13.84
C HIS A 70 12.50 33.82 12.64
N ASP A 71 13.46 33.81 11.73
CA ASP A 71 13.37 34.61 10.53
C ASP A 71 12.77 33.73 9.44
N PHE A 72 11.45 33.80 9.31
CA PHE A 72 10.71 32.93 8.39
C PHE A 72 9.71 33.73 7.61
N THR A 73 9.74 33.56 6.29
CA THR A 73 8.78 34.20 5.39
C THR A 73 8.00 33.17 4.62
N PRO A 74 6.67 33.13 4.81
CA PRO A 74 5.89 32.21 3.97
C PRO A 74 5.67 32.78 2.56
N LEU A 75 5.88 31.95 1.54
CA LEU A 75 5.70 32.34 0.16
C LEU A 75 4.38 31.70 -0.25
N MET A 76 3.37 32.50 -0.56
CA MET A 76 2.02 31.97 -0.72
C MET A 76 1.74 31.55 -2.14
N THR A 77 0.74 30.71 -2.29
CA THR A 77 0.32 30.22 -3.57
C THR A 77 -1.18 30.32 -3.74
N CYS A 78 -1.61 30.38 -5.00
CA CYS A 78 -3.00 30.27 -5.37
C CYS A 78 -3.31 28.85 -5.88
N TYR A 79 -4.38 28.26 -5.39
CA TYR A 79 -4.95 27.03 -5.93
C TYR A 79 -5.64 27.32 -7.25
N LEU A 80 -5.14 26.75 -8.34
CA LEU A 80 -5.77 26.89 -9.63
C LEU A 80 -7.13 26.16 -9.69
N THR A 81 -8.15 26.87 -10.16
CA THR A 81 -9.48 26.31 -10.35
C THR A 81 -10.10 26.78 -11.67
N ASP A 82 -11.20 26.15 -12.10
CA ASP A 82 -11.86 26.56 -13.32
C ASP A 82 -12.43 27.98 -13.21
N SER A 83 -12.93 28.34 -12.03
CA SER A 83 -13.60 29.60 -11.87
C SER A 83 -12.67 30.77 -11.56
N LEU A 84 -11.41 30.50 -11.26
CA LEU A 84 -10.40 31.52 -10.94
C LEU A 84 -10.30 32.56 -12.06
N ASP A 85 -10.50 33.81 -11.69
CA ASP A 85 -10.32 34.94 -12.60
C ASP A 85 -8.82 35.21 -12.76
N PRO A 86 -8.32 35.19 -14.01
CA PRO A 86 -6.90 35.49 -14.23
C PRO A 86 -6.46 36.85 -13.68
N ASN A 87 -7.35 37.85 -13.63
CA ASN A 87 -7.02 39.15 -13.03
C ASN A 87 -6.81 39.08 -11.52
N GLU A 88 -7.49 38.16 -10.85
CA GLU A 88 -7.26 37.96 -9.42
C GLU A 88 -5.84 37.34 -9.23
N LEU A 89 -5.52 36.34 -10.04
CA LEU A 89 -4.22 35.74 -9.97
C LEU A 89 -3.11 36.81 -10.23
N GLU A 90 -3.22 37.57 -11.31
CA GLU A 90 -2.27 38.64 -11.64
C GLU A 90 -2.11 39.70 -10.55
N ARG A 91 -3.22 40.16 -9.98
CA ARG A 91 -3.16 41.17 -8.92
C ARG A 91 -2.38 40.60 -7.76
N GLY A 92 -2.66 39.34 -7.43
CA GLY A 92 -1.99 38.67 -6.32
C GLY A 92 -0.50 38.60 -6.54
N PHE A 93 -0.11 38.22 -7.76
CA PHE A 93 1.30 38.15 -8.14
C PHE A 93 1.92 39.56 -8.11
N ASN A 94 1.27 40.54 -8.73
CA ASN A 94 1.82 41.91 -8.78
C ASN A 94 2.05 42.49 -7.38
N GLU A 95 1.15 42.18 -6.45
CA GLU A 95 1.20 42.69 -5.08
C GLU A 95 2.11 41.86 -4.16
N GLY A 96 2.79 40.87 -4.73
CA GLY A 96 3.71 40.06 -3.94
C GLY A 96 3.02 39.08 -3.01
N VAL A 97 1.71 38.88 -3.17
CA VAL A 97 0.97 37.95 -2.30
C VAL A 97 1.21 36.52 -2.80
N PHE A 98 0.95 36.25 -4.08
CA PHE A 98 1.21 34.92 -4.67
C PHE A 98 2.58 34.89 -5.28
N THR A 99 3.42 33.99 -4.78
CA THR A 99 4.69 33.65 -5.41
C THR A 99 4.56 32.71 -6.61
N ALA A 100 3.59 31.81 -6.56
CA ALA A 100 3.36 30.85 -7.60
C ALA A 100 1.91 30.39 -7.54
N ALA A 101 1.48 29.60 -8.54
CA ALA A 101 0.19 28.98 -8.47
C ALA A 101 0.38 27.48 -8.64
N LEU A 103 -1.21 23.64 -9.56
CA LEU A 103 -2.17 22.89 -10.34
C LEU A 103 -2.25 21.46 -9.80
N TYR A 104 -3.41 21.11 -9.24
CA TYR A 104 -3.67 19.77 -8.79
C TYR A 104 -4.29 18.99 -9.95
N PRO A 105 -4.23 17.63 -9.90
CA PRO A 105 -4.77 16.86 -11.01
C PRO A 105 -6.22 17.25 -11.37
N ALA A 106 -6.46 17.31 -12.67
CA ALA A 106 -7.76 17.58 -13.24
C ALA A 106 -8.75 16.42 -12.96
N ASN A 107 -10.01 16.80 -12.83
CA ASN A 107 -11.07 15.84 -12.55
C ASN A 107 -12.36 16.48 -13.05
N ALA A 108 -13.04 15.81 -13.97
CA ALA A 108 -14.20 16.39 -14.63
C ALA A 108 -15.34 16.65 -13.64
N THR A 109 -15.32 15.97 -12.50
CA THR A 109 -16.41 16.06 -11.52
C THR A 109 -16.11 17.06 -10.40
N THR A 110 -14.93 17.69 -10.45
CA THR A 110 -14.55 18.60 -9.38
C THR A 110 -15.40 19.87 -9.48
N ASN A 111 -15.86 20.39 -8.35
CA ASN A 111 -16.52 21.71 -8.33
C ASN A 111 -15.61 22.83 -8.89
N SER A 112 -16.15 23.76 -9.65
CA SER A 112 -15.30 24.81 -10.21
C SER A 112 -14.68 25.79 -9.16
N SER A 113 -15.18 25.77 -7.92
CA SER A 113 -14.61 26.57 -6.84
C SER A 113 -13.43 25.85 -6.17
N HIS A 114 -13.25 24.57 -6.50
CA HIS A 114 -12.31 23.70 -5.78
C HIS A 114 -11.23 23.05 -6.65
N GLY A 115 -11.30 23.20 -7.97
CA GLY A 115 -10.27 22.66 -8.81
C GLY A 115 -10.55 22.81 -10.29
N VAL A 116 -9.79 22.05 -11.05
CA VAL A 116 -9.73 22.15 -12.50
C VAL A 116 -10.35 20.90 -13.12
N THR A 117 -11.18 21.10 -14.14
CA THR A 117 -11.80 20.01 -14.89
C THR A 117 -10.86 19.51 -16.00
N SER A 118 -10.09 20.41 -16.60
CA SER A 118 -9.08 20.09 -17.63
C SER A 118 -8.10 21.25 -17.80
N VAL A 119 -6.92 20.98 -18.35
CA VAL A 119 -5.94 22.03 -18.65
C VAL A 119 -6.50 23.05 -19.66
N ASP A 120 -7.21 22.56 -20.67
CA ASP A 120 -7.93 23.40 -21.62
C ASP A 120 -8.77 24.46 -20.92
N ALA A 121 -9.47 24.05 -19.86
CA ALA A 121 -10.39 24.93 -19.15
C ALA A 121 -9.71 26.10 -18.47
N ILE A 122 -8.43 25.94 -18.16
CA ILE A 122 -7.70 26.99 -17.47
C ILE A 122 -6.60 27.63 -18.32
N MET A 123 -6.67 27.50 -19.64
CA MET A 123 -5.67 28.18 -20.50
C MET A 123 -5.58 29.70 -20.31
N PRO A 124 -6.72 30.39 -20.16
CA PRO A 124 -6.62 31.84 -19.93
C PRO A 124 -5.71 32.15 -18.74
N VAL A 125 -5.86 31.39 -17.67
CA VAL A 125 -5.08 31.63 -16.46
C VAL A 125 -3.59 31.24 -16.65
N LEU A 126 -3.34 30.09 -17.29
CA LEU A 126 -1.98 29.64 -17.57
C LEU A 126 -1.26 30.60 -18.52
N GLU A 127 -1.98 31.08 -19.54
CA GLU A 127 -1.43 32.08 -20.43
C GLU A 127 -1.09 33.37 -19.68
N ARG A 128 -1.90 33.78 -18.71
CA ARG A 128 -1.57 34.95 -17.90
C ARG A 128 -0.32 34.74 -17.03
N MET A 129 -0.12 33.52 -16.50
CA MET A 129 1.08 33.20 -15.71
C MET A 129 2.30 33.22 -16.60
N GLU A 130 2.18 32.62 -17.78
CA GLU A 130 3.23 32.71 -18.76
C GLU A 130 3.63 34.16 -19.05
N LYS A 131 2.64 35.02 -19.31
CA LYS A 131 2.86 36.43 -19.61
C LYS A 131 3.62 37.20 -18.54
N ILE A 132 3.16 37.09 -17.29
CA ILE A 132 3.73 37.85 -16.18
C ILE A 132 4.95 37.14 -15.56
N GLY A 133 5.28 35.95 -16.03
CA GLY A 133 6.38 35.14 -15.46
C GLY A 133 6.16 34.55 -14.09
N MET A 134 4.92 34.15 -13.78
CA MET A 134 4.59 33.48 -12.54
C MET A 134 4.83 31.99 -12.72
N PRO A 135 5.61 31.35 -11.81
CA PRO A 135 5.81 29.90 -11.98
C PRO A 135 4.58 29.08 -11.62
N LEU A 136 4.42 28.01 -12.38
CA LEU A 136 3.38 27.02 -12.17
C LEU A 136 3.98 25.79 -11.48
N LEU A 137 3.39 25.43 -10.35
CA LEU A 137 3.80 24.24 -9.62
C LEU A 137 2.78 23.16 -9.94
N VAL A 138 3.27 22.00 -10.36
CA VAL A 138 2.42 20.94 -10.85
C VAL A 138 2.52 19.67 -9.97
N HIS A 139 1.36 19.23 -9.49
CA HIS A 139 1.22 17.88 -8.93
C HIS A 139 0.88 17.05 -10.14
N GLY A 140 1.89 16.43 -10.72
CA GLY A 140 1.70 15.81 -12.03
C GLY A 140 1.28 14.36 -12.01
N GLU A 141 0.00 14.10 -11.75
CA GLU A 141 -0.61 12.76 -11.87
C GLU A 141 -1.94 12.88 -12.57
N VAL A 142 -2.28 11.90 -13.41
CA VAL A 142 -3.62 11.81 -13.98
C VAL A 142 -4.39 10.86 -13.05
N THR A 143 -5.59 11.25 -12.62
CA THR A 143 -6.28 10.50 -11.59
C THR A 143 -7.53 9.70 -12.09
N HIS A 144 -7.54 9.29 -13.35
CA HIS A 144 -8.67 8.55 -13.93
C HIS A 144 -8.71 7.18 -13.30
N ALA A 145 -9.93 6.71 -13.02
CA ALA A 145 -10.13 5.49 -12.27
C ALA A 145 -9.49 4.29 -12.93
N ASP A 146 -9.41 4.27 -14.26
CA ASP A 146 -8.78 3.14 -14.98
C ASP A 146 -7.25 3.19 -15.06
N ILE A 147 -6.61 4.17 -14.42
CA ILE A 147 -5.16 4.20 -14.43
C ILE A 147 -4.62 3.67 -13.10
N ASP A 148 -3.83 2.63 -13.19
CA ASP A 148 -3.16 2.07 -12.01
C ASP A 148 -2.40 3.16 -11.26
N ILE A 149 -2.49 3.18 -9.93
CA ILE A 149 -1.88 4.24 -9.13
C ILE A 149 -0.39 4.49 -9.38
N PHE A 150 0.37 3.41 -9.58
CA PHE A 150 1.80 3.54 -9.84
C PHE A 150 2.14 4.11 -11.23
N ASP A 151 1.16 4.08 -12.15
CA ASP A 151 1.31 4.59 -13.52
C ASP A 151 0.95 6.07 -13.66
N ARG A 152 0.41 6.68 -12.62
CA ARG A 152 -0.25 7.98 -12.81
C ARG A 152 0.71 9.12 -13.13
N GLU A 153 1.89 9.11 -12.53
CA GLU A 153 2.92 10.10 -12.80
C GLU A 153 3.44 9.97 -14.23
N ALA A 154 3.85 8.77 -14.63
CA ALA A 154 4.33 8.59 -15.99
C ALA A 154 3.25 9.02 -17.01
N ARG A 155 2.00 8.63 -16.78
CA ARG A 155 0.90 9.00 -17.68
C ARG A 155 0.76 10.52 -17.81
N PHE A 156 0.94 11.24 -16.71
CA PHE A 156 0.84 12.71 -16.73
C PHE A 156 1.90 13.35 -17.66
N ILE A 157 3.13 12.84 -17.62
CA ILE A 157 4.22 13.40 -18.45
C ILE A 157 3.76 13.45 -19.90
N GLU A 158 3.32 12.30 -20.38
CA GLU A 158 2.95 12.10 -21.75
C GLU A 158 1.69 12.85 -22.13
N SER A 159 0.65 12.76 -21.31
CA SER A 159 -0.69 13.21 -21.66
C SER A 159 -0.93 14.69 -21.36
N VAL A 160 -0.20 15.27 -20.41
CA VAL A 160 -0.50 16.63 -19.90
C VAL A 160 0.74 17.55 -19.89
N MET A 161 1.83 17.09 -19.30
CA MET A 161 2.97 17.96 -19.06
C MET A 161 3.64 18.36 -20.37
N GLU A 162 3.87 17.40 -21.28
CA GLU A 162 4.57 17.72 -22.51
C GLU A 162 3.74 18.60 -23.44
N PRO A 163 2.45 18.28 -23.63
CA PRO A 163 1.61 19.15 -24.42
C PRO A 163 1.48 20.53 -23.83
N LEU A 164 1.33 20.61 -22.50
CA LEU A 164 1.23 21.90 -21.85
C LEU A 164 2.47 22.76 -22.15
N ARG A 165 3.65 22.16 -21.98
CA ARG A 165 4.90 22.90 -22.17
C ARG A 165 5.18 23.22 -23.63
N GLN A 166 4.71 22.37 -24.54
CA GLN A 166 4.78 22.60 -25.98
C GLN A 166 3.90 23.80 -26.39
N ARG A 167 2.82 24.01 -25.66
CA ARG A 167 1.88 25.10 -25.97
C ARG A 167 2.32 26.42 -25.32
N LEU A 168 2.79 26.36 -24.08
CA LEU A 168 3.21 27.54 -23.30
CA LEU A 168 3.22 27.55 -23.36
C LEU A 168 4.73 27.50 -23.12
N THR A 169 5.45 27.84 -24.18
CA THR A 169 6.91 27.74 -24.22
C THR A 169 7.71 28.66 -23.31
N ALA A 170 7.08 29.70 -22.77
CA ALA A 170 7.77 30.59 -21.86
C ALA A 170 7.39 30.40 -20.38
N LEU A 171 6.48 29.46 -20.10
CA LEU A 171 5.99 29.23 -18.75
C LEU A 171 7.02 28.40 -17.96
N LYS A 172 7.36 28.94 -16.78
CA LYS A 172 8.19 28.28 -15.80
C LYS A 172 7.37 27.26 -15.01
N VAL A 173 7.88 26.04 -14.93
CA VAL A 173 7.15 24.94 -14.32
C VAL A 173 8.04 24.18 -13.36
N VAL A 174 7.54 23.93 -12.15
CA VAL A 174 8.14 23.00 -11.22
C VAL A 174 7.29 21.74 -11.22
N PHE A 175 7.94 20.65 -11.59
CA PHE A 175 7.36 19.32 -11.45
C PHE A 175 7.57 18.92 -10.02
N GLU A 176 6.54 19.07 -9.20
CA GLU A 176 6.65 18.86 -7.78
C GLU A 176 6.81 17.37 -7.45
N HIS A 177 7.55 17.12 -6.39
CA HIS A 177 7.75 15.80 -5.72
C HIS A 177 7.73 14.68 -6.73
N ILE A 178 8.74 14.70 -7.57
CA ILE A 178 8.80 13.68 -8.61
C ILE A 178 9.18 12.36 -7.92
N THR A 179 8.75 11.23 -8.51
CA THR A 179 8.85 9.97 -7.81
C THR A 179 9.32 8.85 -8.72
N THR A 180 9.54 9.17 -9.99
CA THR A 180 9.84 8.14 -11.00
C THR A 180 11.08 8.46 -11.81
N LYS A 181 11.69 7.40 -12.37
CA LYS A 181 12.69 7.59 -13.38
C LYS A 181 12.13 8.33 -14.59
N ASP A 182 10.86 8.13 -14.90
CA ASP A 182 10.26 8.79 -16.05
C ASP A 182 10.42 10.29 -15.86
N ALA A 183 10.05 10.75 -14.68
CA ALA A 183 10.06 12.17 -14.37
C ALA A 183 11.49 12.70 -14.19
N ALA A 184 12.35 11.93 -13.53
CA ALA A 184 13.74 12.33 -13.36
C ALA A 184 14.41 12.53 -14.74
N ASP A 185 14.21 11.61 -15.68
CA ASP A 185 14.76 11.77 -17.03
C ASP A 185 14.14 12.98 -17.76
N TYR A 186 12.83 13.12 -17.65
CA TYR A 186 12.12 14.19 -18.28
C TYR A 186 12.69 15.55 -17.85
N VAL A 187 12.86 15.71 -16.54
CA VAL A 187 13.39 16.95 -15.97
C VAL A 187 14.85 17.13 -16.33
N ARG A 188 15.62 16.04 -16.28
CA ARG A 188 17.06 16.10 -16.64
C ARG A 188 17.22 16.58 -18.09
N ASP A 189 16.35 16.13 -18.97
CA ASP A 189 16.44 16.46 -20.39
C ASP A 189 15.69 17.73 -20.80
N GLY A 190 15.10 18.43 -19.83
CA GLY A 190 14.34 19.64 -20.11
C GLY A 190 15.22 20.86 -20.20
N ASN A 191 14.56 22.01 -20.36
CA ASN A 191 15.24 23.26 -20.49
C ASN A 191 15.22 24.06 -19.16
N GLU A 192 15.75 25.28 -19.21
CA GLU A 192 15.91 26.12 -18.02
C GLU A 192 14.58 26.55 -17.41
N ARG A 193 13.49 26.27 -18.11
CA ARG A 193 12.14 26.59 -17.61
C ARG A 193 11.46 25.41 -16.89
N LEU A 194 12.18 24.31 -16.73
CA LEU A 194 11.62 23.13 -16.10
C LEU A 194 12.52 22.71 -14.93
N ALA A 195 11.91 22.63 -13.74
CA ALA A 195 12.55 22.20 -12.50
C ALA A 195 11.70 21.17 -11.77
N ALA A 196 12.19 20.72 -10.61
CA ALA A 196 11.56 19.66 -9.82
C ALA A 196 11.94 19.81 -8.36
N THR A 197 11.03 19.38 -7.49
CA THR A 197 11.36 19.12 -6.12
C THR A 197 11.31 17.61 -5.85
N ILE A 198 12.10 17.18 -4.89
CA ILE A 198 12.05 15.84 -4.36
C ILE A 198 12.01 15.80 -2.83
N THR A 199 11.12 14.98 -2.31
CA THR A 199 10.90 14.84 -0.86
C THR A 199 11.96 13.87 -0.26
N PRO A 200 12.13 13.88 1.07
CA PRO A 200 13.08 12.99 1.70
C PRO A 200 12.58 11.54 1.61
N GLN A 201 11.26 11.32 1.73
CA GLN A 201 10.79 9.92 1.68
C GLN A 201 11.02 9.27 0.30
N HIS A 202 10.83 9.99 -0.79
CA HIS A 202 11.09 9.39 -2.13
C HIS A 202 12.55 9.11 -2.44
N LEU A 203 13.45 9.76 -1.69
CA LEU A 203 14.88 9.44 -1.78
C LEU A 203 15.27 8.26 -0.88
N MET A 204 14.72 8.24 0.32
CA MET A 204 15.12 7.23 1.32
C MET A 204 14.48 5.86 1.18
N PHE A 205 13.26 5.83 0.66
CA PHE A 205 12.48 4.60 0.58
C PHE A 205 11.94 4.29 -0.82
N ASN A 206 11.39 3.10 -0.94
CA ASN A 206 10.57 2.74 -2.06
C ASN A 206 9.33 2.03 -1.53
N ARG A 207 8.46 1.60 -2.43
CA ARG A 207 7.23 0.95 -2.02
C ARG A 207 7.43 -0.30 -1.16
N ASN A 208 8.55 -1.06 -1.28
CA ASN A 208 8.76 -2.18 -0.34
C ASN A 208 8.73 -1.72 1.13
N HIS A 209 9.30 -0.54 1.40
CA HIS A 209 9.32 -0.05 2.78
C HIS A 209 7.92 0.24 3.33
N MET A 210 6.96 0.50 2.46
CA MET A 210 5.58 0.79 2.86
C MET A 210 4.75 -0.48 3.03
N LEU A 211 5.16 -1.58 2.38
CA LEU A 211 4.32 -2.78 2.21
C LEU A 211 4.93 -4.12 2.65
N VAL A 212 6.25 -4.22 2.76
CA VAL A 212 6.87 -5.51 3.15
C VAL A 212 7.01 -5.58 4.66
N GLY A 213 6.39 -6.60 5.25
CA GLY A 213 6.45 -6.86 6.68
C GLY A 213 5.34 -6.12 7.43
N GLY A 214 4.41 -5.52 6.69
CA GLY A 214 3.29 -4.80 7.28
C GLY A 214 2.97 -3.62 6.40
N VAL A 215 1.80 -2.98 6.59
CA VAL A 215 1.45 -1.81 5.82
C VAL A 215 1.73 -0.59 6.73
N ARG A 216 2.48 0.36 6.21
CA ARG A 216 2.97 1.49 7.02
C ARG A 216 2.35 2.78 6.53
N PRO A 217 1.24 3.18 7.17
CA PRO A 217 0.54 4.36 6.64
C PRO A 217 1.28 5.70 6.76
N HIS A 218 2.24 5.78 7.67
CA HIS A 218 3.10 6.95 7.72
C HIS A 218 4.08 7.07 6.56
N LEU A 219 4.30 6.00 5.80
CA LEU A 219 4.98 6.10 4.51
C LEU A 219 3.97 6.28 3.33
N TYR A 220 2.67 6.19 3.60
CA TYR A 220 1.64 6.47 2.60
C TYR A 220 1.46 7.97 2.29
N CYS A 221 1.73 8.34 1.04
CA CYS A 221 1.70 9.69 0.52
C CYS A 221 1.49 9.66 -0.98
N LEU A 222 1.13 10.81 -1.56
CA LEU A 222 0.98 10.96 -2.99
C LEU A 222 2.04 11.92 -3.47
N PRO A 223 2.65 11.64 -4.63
CA PRO A 223 2.50 10.44 -5.44
C PRO A 223 3.09 9.24 -4.68
N ILE A 224 2.46 8.09 -4.85
CA ILE A 224 2.80 6.88 -4.14
C ILE A 224 4.27 6.51 -4.35
N LEU A 225 4.91 6.01 -3.29
CA LEU A 225 6.25 5.44 -3.37
C LEU A 225 6.26 4.39 -4.48
N LYS A 226 7.32 4.38 -5.28
CA LYS A 226 7.40 3.55 -6.47
C LYS A 226 8.42 2.40 -6.29
N ARG A 227 8.62 1.57 -7.31
CA ARG A 227 9.56 0.49 -7.11
C ARG A 227 10.99 1.00 -7.00
N ASN A 228 11.90 0.18 -6.48
CA ASN A 228 13.26 0.63 -6.21
CA ASN A 228 13.29 0.59 -6.22
C ASN A 228 14.01 1.28 -7.38
N ILE A 229 13.84 0.79 -8.62
CA ILE A 229 14.52 1.42 -9.77
C ILE A 229 14.23 2.96 -9.86
N HIS A 230 13.03 3.34 -9.47
CA HIS A 230 12.65 4.77 -9.51
C HIS A 230 13.36 5.53 -8.40
N GLN A 231 13.35 4.94 -7.21
CA GLN A 231 14.09 5.48 -6.05
C GLN A 231 15.54 5.77 -6.43
N GLN A 232 16.15 4.78 -7.09
CA GLN A 232 17.55 4.93 -7.44
C GLN A 232 17.74 6.08 -8.45
N ALA A 233 16.81 6.23 -9.40
CA ALA A 233 16.93 7.29 -10.39
C ALA A 233 16.84 8.68 -9.71
N LEU A 234 16.06 8.78 -8.64
CA LEU A 234 15.92 10.05 -7.91
C LEU A 234 17.20 10.37 -7.17
N ARG A 235 17.78 9.36 -6.53
CA ARG A 235 19.01 9.56 -5.80
C ARG A 235 20.17 9.95 -6.71
N GLU A 236 20.27 9.27 -7.85
CA GLU A 236 21.26 9.58 -8.87
C GLU A 236 21.07 11.05 -9.38
N LEU A 237 19.83 11.44 -9.63
CA LEU A 237 19.57 12.82 -10.11
C LEU A 237 20.05 13.89 -9.12
N VAL A 238 19.71 13.75 -7.84
CA VAL A 238 20.16 14.76 -6.86
C VAL A 238 21.68 14.65 -6.68
N ALA A 239 22.21 13.42 -6.69
CA ALA A 239 23.66 13.22 -6.54
C ALA A 239 24.50 13.72 -7.71
N SER A 240 23.89 13.86 -8.88
CA SER A 240 24.60 14.33 -10.07
C SER A 240 25.01 15.82 -10.02
N GLY A 241 24.49 16.60 -9.08
CA GLY A 241 24.72 18.02 -9.12
C GLY A 241 23.78 18.77 -10.05
N PHE A 242 22.86 18.07 -10.72
CA PHE A 242 21.86 18.73 -11.59
C PHE A 242 21.22 19.88 -10.83
N ASN A 243 21.22 21.07 -11.43
CA ASN A 243 20.89 22.25 -10.67
C ASN A 243 19.48 22.77 -10.79
N ARG A 244 18.59 21.98 -11.41
CA ARG A 244 17.16 22.31 -11.43
C ARG A 244 16.30 21.30 -10.67
N VAL A 245 16.93 20.67 -9.67
CA VAL A 245 16.21 19.96 -8.63
C VAL A 245 16.57 20.65 -7.30
N PHE A 246 15.58 20.79 -6.43
CA PHE A 246 15.83 21.41 -5.16
C PHE A 246 14.88 20.90 -4.09
N LEU A 247 15.15 21.32 -2.84
CA LEU A 247 14.45 20.85 -1.65
C LEU A 247 12.98 21.26 -1.68
N GLY A 248 12.09 20.28 -1.68
CA GLY A 248 10.68 20.44 -1.33
C GLY A 248 10.23 19.28 -0.49
N THR A 249 9.90 19.52 0.78
CA THR A 249 9.61 18.43 1.70
C THR A 249 8.32 17.70 1.39
N ASP A 250 7.33 18.42 0.86
CA ASP A 250 5.96 17.98 0.92
C ASP A 250 5.52 17.50 2.30
N SER A 251 5.98 18.19 3.34
CA SER A 251 5.55 17.90 4.68
C SER A 251 4.05 18.11 4.67
N ALA A 252 3.33 17.06 5.07
CA ALA A 252 1.92 16.94 4.81
C ALA A 252 1.27 16.27 6.02
N PRO A 253 1.12 17.01 7.15
CA PRO A 253 0.74 16.44 8.42
C PRO A 253 -0.74 16.07 8.52
N HIS A 254 -0.99 14.89 9.04
CA HIS A 254 -2.31 14.47 9.48
C HIS A 254 -2.24 13.94 10.88
N ALA A 255 -3.28 14.22 11.70
CA ALA A 255 -3.37 13.57 13.02
C ALA A 255 -3.25 12.04 12.89
N ARG A 256 -2.68 11.45 13.93
CA ARG A 256 -2.46 10.01 14.01
C ARG A 256 -3.75 9.27 13.74
N ALA A 257 -4.85 9.72 14.36
CA ALA A 257 -6.16 9.07 14.14
C ALA A 257 -6.57 9.02 12.67
N ARG A 258 -6.12 9.98 11.86
CA ARG A 258 -6.46 10.01 10.44
C ARG A 258 -5.46 9.25 9.57
N LYS A 259 -4.29 8.92 10.12
CA LYS A 259 -3.28 8.09 9.41
C LYS A 259 -3.52 6.61 9.67
N GLU A 260 -3.80 6.27 10.92
CA GLU A 260 -3.87 4.90 11.44
C GLU A 260 -5.34 4.52 11.63
N SER A 261 -6.06 4.47 10.52
CA SER A 261 -7.49 4.20 10.48
C SER A 261 -7.80 3.22 9.36
N SER A 262 -9.08 2.94 9.17
CA SER A 262 -9.54 2.13 8.04
C SER A 262 -9.26 2.79 6.67
N CYS A 263 -9.04 4.11 6.65
CA CYS A 263 -8.75 4.78 5.39
C CYS A 263 -7.76 5.88 5.65
N GLY A 264 -6.49 5.52 5.72
CA GLY A 264 -5.44 6.47 6.02
C GLY A 264 -5.19 7.60 5.02
N CYS A 265 -5.17 8.85 5.51
CA CYS A 265 -4.79 9.98 4.71
C CYS A 265 -3.37 9.92 4.19
N ALA A 266 -3.21 10.41 2.97
CA ALA A 266 -1.92 10.56 2.33
C ALA A 266 -1.10 11.72 2.88
N GLY A 267 0.13 11.42 3.30
CA GLY A 267 1.11 12.44 3.65
C GLY A 267 2.03 12.14 4.82
N CYS A 268 3.27 12.58 4.67
CA CYS A 268 4.31 12.37 5.63
C CYS A 268 4.61 13.67 6.39
N PHE A 269 4.58 13.63 7.72
CA PHE A 269 4.95 14.84 8.49
C PHE A 269 6.49 14.86 8.71
N ASN A 270 7.21 15.30 7.68
CA ASN A 270 8.66 15.21 7.61
C ASN A 270 9.38 16.51 7.90
N ALA A 271 8.67 17.64 8.10
CA ALA A 271 9.34 18.89 8.50
C ALA A 271 10.37 18.74 9.63
N PRO A 272 10.04 17.97 10.66
CA PRO A 272 11.00 17.85 11.75
C PRO A 272 12.34 17.19 11.43
N THR A 273 12.34 16.27 10.45
CA THR A 273 13.50 15.41 10.16
C THR A 273 14.00 15.46 8.71
N ALA A 274 13.44 16.35 7.89
CA ALA A 274 13.70 16.35 6.45
C ALA A 274 15.14 16.70 6.11
N LEU A 275 15.64 17.78 6.69
CA LEU A 275 16.97 18.28 6.38
C LEU A 275 18.07 17.28 6.65
N GLY A 276 18.04 16.68 7.84
CA GLY A 276 19.01 15.62 8.19
C GLY A 276 18.90 14.41 7.27
N SER A 277 17.68 14.11 6.86
CA SER A 277 17.41 12.98 5.95
C SER A 277 18.04 13.21 4.60
N TYR A 278 17.89 14.42 4.07
CA TYR A 278 18.56 14.81 2.83
C TYR A 278 20.07 14.74 3.00
N ALA A 279 20.59 15.23 4.13
CA ALA A 279 22.01 15.16 4.40
C ALA A 279 22.49 13.67 4.36
N THR A 280 21.73 12.77 4.98
CA THR A 280 22.06 11.34 4.98
C THR A 280 22.09 10.80 3.56
N VAL A 281 21.09 11.17 2.76
CA VAL A 281 21.02 10.69 1.37
C VAL A 281 22.22 11.17 0.54
N PHE A 282 22.47 12.48 0.56
CA PHE A 282 23.66 13.00 -0.14
C PHE A 282 24.99 12.34 0.28
N GLU A 283 25.17 12.15 1.58
CA GLU A 283 26.34 11.49 2.11
C GLU A 283 26.45 10.05 1.59
N GLU A 284 25.36 9.28 1.64
CA GLU A 284 25.37 7.90 1.14
C GLU A 284 25.71 7.84 -0.34
N MET A 285 25.31 8.87 -1.09
CA MET A 285 25.64 8.98 -2.51
C MET A 285 26.99 9.64 -2.82
N ASN A 286 27.82 9.86 -1.81
CA ASN A 286 29.14 10.48 -2.02
C ASN A 286 28.99 11.79 -2.78
N ALA A 287 27.99 12.57 -2.41
CA ALA A 287 27.66 13.75 -3.19
C ALA A 287 27.36 14.93 -2.26
N LEU A 288 27.97 14.95 -1.08
CA LEU A 288 27.75 16.06 -0.14
C LEU A 288 28.14 17.42 -0.72
N GLN A 289 29.04 17.42 -1.70
CA GLN A 289 29.41 18.69 -2.33
C GLN A 289 28.21 19.36 -3.03
N HIS A 290 27.16 18.60 -3.30
CA HIS A 290 25.99 19.17 -3.97
C HIS A 290 24.81 19.42 -3.03
N PHE A 291 24.97 19.08 -1.76
CA PHE A 291 23.90 19.15 -0.77
C PHE A 291 23.45 20.62 -0.57
N GLU A 292 24.39 21.53 -0.39
CA GLU A 292 24.06 22.95 -0.21
C GLU A 292 23.22 23.53 -1.35
N ALA A 293 23.65 23.26 -2.58
CA ALA A 293 22.99 23.76 -3.77
C ALA A 293 21.52 23.32 -3.79
N PHE A 294 21.30 22.05 -3.45
CA PHE A 294 19.98 21.46 -3.42
C PHE A 294 19.10 22.14 -2.39
N CYS A 295 19.62 22.37 -1.19
CA CYS A 295 18.84 22.94 -0.07
C CYS A 295 18.67 24.46 -0.11
N SER A 296 19.64 25.14 -0.70
CA SER A 296 19.80 26.60 -0.45
C SER A 296 20.05 27.49 -1.66
N VAL A 297 20.32 26.90 -2.82
CA VAL A 297 20.69 27.69 -3.99
C VAL A 297 19.85 27.45 -5.26
N ASN A 298 19.60 26.19 -5.62
CA ASN A 298 18.88 25.86 -6.86
C ASN A 298 17.46 26.43 -6.95
N GLY A 299 16.76 26.34 -5.83
CA GLY A 299 15.40 26.84 -5.71
C GLY A 299 15.40 28.34 -5.95
N PRO A 300 16.17 29.10 -5.15
CA PRO A 300 16.21 30.55 -5.35
C PRO A 300 16.58 30.98 -6.77
N GLN A 301 17.56 30.30 -7.38
CA GLN A 301 17.94 30.57 -8.77
C GLN A 301 16.74 30.37 -9.71
N PHE A 302 16.00 29.29 -9.55
CA PHE A 302 14.85 29.01 -10.45
C PHE A 302 13.73 30.04 -10.29
N TYR A 303 13.47 30.41 -9.04
CA TYR A 303 12.40 31.37 -8.73
C TYR A 303 12.81 32.81 -8.89
N GLY A 304 14.09 33.07 -9.11
CA GLY A 304 14.59 34.41 -9.29
C GLY A 304 14.61 35.15 -7.97
N LEU A 305 14.91 34.43 -6.89
CA LEU A 305 14.98 35.03 -5.55
C LEU A 305 16.38 34.95 -5.02
N PRO A 306 16.74 35.82 -4.06
CA PRO A 306 18.10 35.79 -3.53
C PRO A 306 18.35 34.57 -2.66
N VAL A 307 19.61 34.16 -2.63
CA VAL A 307 20.04 33.06 -1.79
C VAL A 307 20.16 33.64 -0.38
N ASN A 308 19.79 32.87 0.64
CA ASN A 308 19.93 33.32 2.03
C ASN A 308 21.38 33.61 2.39
N ASP A 309 21.58 34.60 3.26
CA ASP A 309 22.92 35.05 3.62
C ASP A 309 23.31 34.74 5.07
N THR A 310 22.47 34.01 5.79
CA THR A 310 22.84 33.42 7.07
C THR A 310 23.05 31.93 6.85
N PHE A 311 23.61 31.28 7.86
CA PHE A 311 24.04 29.90 7.76
C PHE A 311 23.47 29.11 8.89
N ILE A 312 23.33 27.81 8.67
CA ILE A 312 23.01 26.85 9.73
C ILE A 312 23.96 25.65 9.66
N GLU A 313 24.04 24.88 10.75
CA GLU A 313 24.97 23.74 10.79
C GLU A 313 24.27 22.46 11.18
N LEU A 314 24.57 21.41 10.43
CA LEU A 314 24.21 20.05 10.83
C LEU A 314 25.43 19.33 11.40
N VAL A 315 25.19 18.51 12.40
CA VAL A 315 26.25 17.78 13.09
C VAL A 315 25.96 16.30 12.92
N ARG A 316 27.00 15.52 12.63
CA ARG A 316 26.85 14.08 12.47
C ARG A 316 26.97 13.45 13.84
N GLU A 317 25.89 13.51 14.59
CA GLU A 317 25.80 13.00 15.94
C GLU A 317 24.42 12.38 16.07
N GLU A 318 24.35 11.13 16.48
CA GLU A 318 23.07 10.44 16.57
C GLU A 318 22.11 11.08 17.58
N GLN A 319 20.87 11.21 17.16
CA GLN A 319 19.76 11.70 17.99
C GLN A 319 18.57 10.76 17.74
N GLN A 320 17.66 10.68 18.71
CA GLN A 320 16.43 9.92 18.55
C GLN A 320 15.35 10.90 18.11
N VAL A 321 14.54 10.51 17.13
CA VAL A 321 13.39 11.29 16.69
C VAL A 321 12.27 11.00 17.68
N ALA A 322 11.48 12.03 17.98
CA ALA A 322 10.36 11.87 18.91
C ALA A 322 9.40 10.83 18.35
N GLU A 323 8.73 10.11 19.24
CA GLU A 323 7.74 9.11 18.83
C GLU A 323 6.47 9.83 18.32
N SER A 324 6.16 10.97 18.92
CA SER A 324 5.01 11.77 18.48
C SER A 324 5.12 13.20 18.98
N ILE A 325 4.28 14.05 18.38
CA ILE A 325 4.20 15.48 18.66
C ILE A 325 2.74 15.84 18.99
N ALA A 326 2.51 16.39 20.18
CA ALA A 326 1.17 16.60 20.71
C ALA A 326 0.42 17.66 19.90
N LEU A 327 -0.84 17.40 19.58
CA LEU A 327 -1.75 18.43 19.03
C LEU A 327 -2.71 18.72 20.16
N THR A 328 -3.58 19.71 20.00
CA THR A 328 -4.54 20.08 21.05
C THR A 328 -5.38 18.84 21.35
N ASP A 329 -5.93 18.28 20.29
CA ASP A 329 -6.55 16.97 20.35
C ASP A 329 -5.68 16.14 19.43
N ASP A 330 -5.48 14.88 19.79
CA ASP A 330 -4.61 13.93 19.05
C ASP A 330 -3.13 14.30 18.99
N THR A 331 -2.38 13.57 18.15
CA THR A 331 -0.95 13.64 18.09
C THR A 331 -0.57 13.53 16.61
N LEU A 332 0.64 13.99 16.32
CA LEU A 332 1.26 13.85 15.02
C LEU A 332 2.42 12.88 15.17
N VAL A 333 2.59 12.00 14.20
CA VAL A 333 3.72 11.06 14.26
C VAL A 333 4.67 11.53 13.19
N PRO A 334 5.87 11.99 13.59
CA PRO A 334 6.74 12.53 12.58
C PRO A 334 7.40 11.46 11.71
N PHE A 335 7.90 11.90 10.57
CA PHE A 335 8.72 11.05 9.64
C PHE A 335 9.92 10.51 10.42
N LEU A 336 10.10 9.18 10.37
CA LEU A 336 11.15 8.52 11.15
C LEU A 336 10.96 8.61 12.69
N ALA A 337 9.70 8.68 13.14
CA ALA A 337 9.35 8.62 14.56
C ALA A 337 10.08 7.50 15.29
N GLY A 338 10.76 7.83 16.41
CA GLY A 338 11.38 6.80 17.25
C GLY A 338 12.71 6.26 16.74
N GLU A 339 13.16 6.70 15.58
CA GLU A 339 14.43 6.22 15.03
C GLU A 339 15.61 7.08 15.43
N THR A 340 16.79 6.47 15.32
CA THR A 340 18.07 7.11 15.55
C THR A 340 18.44 7.64 14.20
N VAL A 341 18.63 8.96 14.08
CA VAL A 341 19.01 9.60 12.83
C VAL A 341 20.46 10.06 12.92
N ARG A 342 21.09 10.20 11.75
CA ARG A 342 22.55 10.34 11.69
C ARG A 342 22.99 11.80 11.76
N TRP A 343 22.15 12.68 11.22
CA TRP A 343 22.47 14.11 11.11
C TRP A 343 21.34 14.91 11.75
N SER A 344 21.69 15.90 12.55
CA SER A 344 20.70 16.81 13.11
C SER A 344 21.22 18.23 13.12
N VAL A 345 20.30 19.19 13.15
CA VAL A 345 20.67 20.60 13.24
C VAL A 345 21.26 20.90 14.61
N LYS A 346 22.33 21.70 14.63
CA LYS A 346 23.03 22.03 15.87
C LYS A 346 22.21 23.01 16.71
N SER B 4 -34.88 -11.90 -4.83
CA SER B 4 -35.80 -12.93 -5.42
C SER B 4 -35.07 -14.18 -5.95
N GLN B 5 -33.99 -14.00 -6.73
CA GLN B 5 -33.25 -15.12 -7.32
C GLN B 5 -32.56 -15.94 -6.24
N VAL B 6 -32.81 -17.24 -6.23
CA VAL B 6 -32.22 -18.15 -5.25
C VAL B 6 -31.29 -19.08 -6.01
N LEU B 7 -30.06 -19.21 -5.53
CA LEU B 7 -29.10 -20.11 -6.14
C LEU B 7 -28.83 -21.23 -5.12
N LYS B 8 -29.19 -22.47 -5.43
CA LYS B 8 -28.93 -23.61 -4.53
C LYS B 8 -27.65 -24.34 -4.98
N ILE B 9 -26.71 -24.54 -4.05
CA ILE B 9 -25.46 -25.24 -4.33
C ILE B 9 -25.21 -26.31 -3.28
N ARG B 10 -24.51 -27.36 -3.69
CA ARG B 10 -23.93 -28.28 -2.74
C ARG B 10 -23.18 -27.49 -1.69
N ARG B 11 -23.33 -27.89 -0.43
CA ARG B 11 -22.60 -27.27 0.68
C ARG B 11 -21.11 -27.15 0.34
N PRO B 12 -20.53 -25.93 0.47
CA PRO B 12 -19.14 -25.74 0.13
C PRO B 12 -18.14 -26.16 1.23
N ASP B 13 -16.86 -26.13 0.88
CA ASP B 13 -15.75 -26.28 1.79
C ASP B 13 -14.84 -25.08 1.60
N ASP B 14 -14.00 -24.87 2.58
CA ASP B 14 -12.98 -23.84 2.47
C ASP B 14 -11.56 -24.44 2.52
N TRP B 15 -10.87 -24.43 1.38
CA TRP B 15 -9.60 -25.14 1.22
C TRP B 15 -8.40 -24.29 1.63
N HIS B 16 -8.64 -23.14 2.30
CA HIS B 16 -7.58 -22.35 2.88
C HIS B 16 -8.11 -21.39 3.96
N LEU B 17 -7.96 -21.77 5.23
CA LEU B 17 -8.51 -20.97 6.35
C LEU B 17 -7.53 -20.79 7.51
N HIS B 18 -7.60 -19.60 8.11
CA HIS B 18 -6.94 -19.29 9.39
C HIS B 18 -7.98 -19.14 10.49
N LEU B 19 -7.88 -19.98 11.51
CA LEU B 19 -8.82 -19.91 12.63
C LEU B 19 -8.20 -19.34 13.88
N ARG B 20 -6.90 -19.09 13.86
CA ARG B 20 -6.17 -18.59 15.04
C ARG B 20 -6.39 -19.48 16.26
N ASP B 21 -6.25 -18.94 17.47
CA ASP B 21 -6.40 -19.76 18.67
C ASP B 21 -7.10 -18.93 19.76
N GLY B 22 -7.33 -19.49 20.93
CA GLY B 22 -7.89 -18.73 22.11
C GLY B 22 -9.22 -18.04 21.83
N ASP B 23 -9.36 -16.78 22.29
CA ASP B 23 -10.60 -16.03 22.10
C ASP B 23 -10.96 -15.79 20.64
N MET B 24 -9.97 -15.38 19.86
CA MET B 24 -10.16 -15.15 18.42
C MET B 24 -10.76 -16.40 17.75
N LEU B 25 -10.22 -17.57 18.06
CA LEU B 25 -10.75 -18.82 17.53
CA LEU B 25 -10.75 -18.81 17.51
C LEU B 25 -12.23 -19.01 17.84
N LYS B 26 -12.60 -18.78 19.10
CA LYS B 26 -13.98 -18.93 19.54
C LYS B 26 -14.92 -17.97 18.81
N THR B 27 -14.44 -16.76 18.54
CA THR B 27 -15.21 -15.78 17.78
C THR B 27 -15.36 -16.14 16.29
N VAL B 28 -14.30 -16.61 15.67
CA VAL B 28 -14.31 -16.73 14.19
C VAL B 28 -14.81 -18.10 13.67
N VAL B 29 -14.59 -19.19 14.41
CA VAL B 29 -15.01 -20.52 13.95
C VAL B 29 -16.49 -20.55 13.48
N PRO B 30 -17.43 -19.96 14.26
CA PRO B 30 -18.84 -20.07 13.81
C PRO B 30 -19.16 -19.51 12.42
N TYR B 31 -18.43 -18.48 11.97
CA TYR B 31 -18.65 -17.91 10.64
C TYR B 31 -18.27 -18.92 9.56
N THR B 32 -17.34 -19.80 9.87
CA THR B 32 -17.01 -20.91 8.98
C THR B 32 -17.96 -22.09 9.21
N SER B 33 -18.05 -22.58 10.45
CA SER B 33 -18.73 -23.85 10.75
C SER B 33 -20.22 -23.83 10.39
N GLU B 34 -20.86 -22.66 10.36
CA GLU B 34 -22.27 -22.56 9.98
C GLU B 34 -22.52 -22.80 8.50
N ILE B 35 -21.51 -22.60 7.66
CA ILE B 35 -21.68 -22.68 6.21
C ILE B 35 -20.93 -23.83 5.57
N TYR B 36 -19.66 -23.99 5.94
CA TYR B 36 -18.75 -24.89 5.22
C TYR B 36 -18.74 -26.27 5.88
N GLY B 37 -18.65 -27.33 5.07
CA GLY B 37 -18.68 -28.70 5.60
C GLY B 37 -17.33 -29.04 6.22
N ARG B 38 -16.30 -28.55 5.57
CA ARG B 38 -14.91 -28.77 5.96
C ARG B 38 -14.10 -27.53 5.63
N ALA B 39 -12.97 -27.42 6.31
CA ALA B 39 -11.96 -26.39 6.00
C ALA B 39 -10.55 -26.94 6.19
N ILE B 40 -9.63 -26.54 5.31
CA ILE B 40 -8.20 -26.67 5.55
C ILE B 40 -7.77 -25.61 6.54
N VAL B 41 -7.36 -26.06 7.72
CA VAL B 41 -7.01 -25.16 8.83
C VAL B 41 -5.51 -25.02 8.81
N MET B 42 -5.07 -23.81 8.46
CA MET B 42 -3.64 -23.55 8.28
C MET B 42 -2.95 -23.59 9.64
N PRO B 43 -1.62 -23.80 9.61
CA PRO B 43 -0.88 -24.16 10.80
C PRO B 43 0.02 -23.09 11.40
N ASN B 44 -0.13 -21.84 10.92
CA ASN B 44 0.73 -20.72 11.35
C ASN B 44 0.27 -20.03 12.66
N LEU B 45 0.05 -20.85 13.68
CA LEU B 45 -0.04 -20.40 15.06
C LEU B 45 1.34 -19.98 15.59
N ALA B 46 1.34 -19.39 16.77
CA ALA B 46 2.56 -18.97 17.46
C ALA B 46 2.57 -19.59 18.84
N PRO B 47 3.31 -20.70 19.03
CA PRO B 47 4.21 -21.38 18.10
C PRO B 47 3.46 -22.21 17.05
N PRO B 48 4.08 -22.45 15.88
CA PRO B 48 3.41 -23.16 14.77
C PRO B 48 3.09 -24.62 15.07
N VAL B 49 2.09 -25.17 14.36
CA VAL B 49 1.69 -26.58 14.51
C VAL B 49 2.62 -27.46 13.66
N THR B 50 3.62 -28.08 14.31
CA THR B 50 4.64 -28.87 13.61
C THR B 50 4.76 -30.30 14.13
N THR B 51 3.82 -30.72 14.97
CA THR B 51 3.76 -32.08 15.50
C THR B 51 2.33 -32.59 15.51
N VAL B 52 2.18 -33.91 15.47
CA VAL B 52 0.87 -34.54 15.53
C VAL B 52 0.15 -34.15 16.82
N GLU B 53 0.87 -34.14 17.93
CA GLU B 53 0.31 -33.82 19.24
C GLU B 53 -0.32 -32.41 19.26
N ALA B 54 0.40 -31.41 18.76
CA ALA B 54 -0.11 -30.05 18.68
C ALA B 54 -1.34 -29.95 17.79
N ALA B 55 -1.33 -30.66 16.66
CA ALA B 55 -2.43 -30.70 15.71
C ALA B 55 -3.67 -31.33 16.32
N VAL B 56 -3.50 -32.45 17.04
CA VAL B 56 -4.60 -33.09 17.75
C VAL B 56 -5.23 -32.16 18.80
N ALA B 57 -4.41 -31.53 19.63
CA ALA B 57 -4.92 -30.60 20.63
C ALA B 57 -5.62 -29.40 19.99
N TYR B 58 -5.06 -28.92 18.88
CA TYR B 58 -5.58 -27.75 18.20
C TYR B 58 -6.92 -28.07 17.59
N ARG B 59 -7.00 -29.23 16.94
CA ARG B 59 -8.24 -29.73 16.44
C ARG B 59 -9.32 -29.79 17.53
N GLN B 60 -8.96 -30.20 18.75
CA GLN B 60 -9.95 -30.27 19.81
C GLN B 60 -10.41 -28.87 20.25
N ARG B 61 -9.48 -27.92 20.35
CA ARG B 61 -9.84 -26.52 20.65
C ARG B 61 -10.84 -25.98 19.62
N ILE B 62 -10.62 -26.32 18.35
CA ILE B 62 -11.50 -25.94 17.27
C ILE B 62 -12.88 -26.57 17.43
N LEU B 63 -12.93 -27.90 17.62
CA LEU B 63 -14.19 -28.61 17.80
C LEU B 63 -14.94 -28.09 19.03
N ASP B 64 -14.21 -27.80 20.10
CA ASP B 64 -14.81 -27.19 21.31
C ASP B 64 -15.59 -25.89 21.01
N ALA B 65 -15.11 -25.15 20.01
CA ALA B 65 -15.70 -23.87 19.64
C ALA B 65 -16.77 -24.00 18.55
N VAL B 66 -17.00 -25.20 18.01
CA VAL B 66 -18.02 -25.36 16.97
C VAL B 66 -19.39 -25.46 17.62
N PRO B 67 -20.32 -24.52 17.29
CA PRO B 67 -21.66 -24.65 17.87
C PRO B 67 -22.36 -26.00 17.59
N ALA B 68 -23.22 -26.42 18.50
CA ALA B 68 -24.04 -27.61 18.31
C ALA B 68 -24.97 -27.39 17.12
N GLY B 69 -25.09 -28.41 16.27
CA GLY B 69 -25.91 -28.30 15.07
C GLY B 69 -25.11 -28.10 13.80
N HIS B 70 -23.90 -27.52 13.92
CA HIS B 70 -22.99 -27.35 12.79
C HIS B 70 -22.23 -28.66 12.53
N ASP B 71 -22.32 -29.18 11.30
CA ASP B 71 -21.59 -30.38 10.88
C ASP B 71 -20.31 -29.93 10.18
N PHE B 72 -19.31 -29.57 10.98
CA PHE B 72 -18.07 -29.01 10.45
C PHE B 72 -16.86 -29.88 10.85
N THR B 73 -16.02 -30.22 9.90
CA THR B 73 -14.80 -30.95 10.17
C THR B 73 -13.60 -30.12 9.76
N PRO B 74 -12.71 -29.80 10.72
CA PRO B 74 -11.45 -29.14 10.42
C PRO B 74 -10.45 -30.17 9.87
N LEU B 75 -9.88 -29.89 8.71
CA LEU B 75 -8.83 -30.72 8.12
C LEU B 75 -7.50 -30.05 8.51
N MET B 76 -6.74 -30.73 9.36
CA MET B 76 -5.53 -30.12 9.93
C MET B 76 -4.33 -30.17 8.98
N THR B 77 -3.38 -29.25 9.17
CA THR B 77 -2.19 -29.21 8.35
C THR B 77 -0.95 -29.18 9.23
N CYS B 78 0.18 -29.63 8.67
CA CYS B 78 1.47 -29.47 9.31
C CYS B 78 2.22 -28.23 8.78
N TYR B 79 2.84 -27.49 9.68
CA TYR B 79 3.66 -26.34 9.31
C TYR B 79 5.05 -26.89 9.04
N LEU B 80 5.49 -26.85 7.78
CA LEU B 80 6.80 -27.35 7.42
C LEU B 80 7.85 -26.42 8.00
N THR B 81 8.90 -27.03 8.52
CA THR B 81 10.10 -26.32 8.93
C THR B 81 11.33 -27.06 8.36
N ASP B 82 12.47 -26.38 8.31
CA ASP B 82 13.70 -27.02 7.79
C ASP B 82 14.04 -28.34 8.49
N SER B 83 13.80 -28.40 9.80
CA SER B 83 14.23 -29.55 10.60
C SER B 83 13.12 -30.55 10.92
N LEU B 84 11.94 -30.40 10.33
CA LEU B 84 10.84 -31.36 10.52
C LEU B 84 11.29 -32.77 10.16
N ASP B 85 11.06 -33.70 11.09
CA ASP B 85 11.24 -35.13 10.84
C ASP B 85 10.19 -35.66 9.85
N PRO B 86 10.62 -36.20 8.69
CA PRO B 86 9.57 -36.75 7.81
C PRO B 86 8.70 -37.82 8.46
N ASN B 87 9.18 -38.51 9.51
CA ASN B 87 8.37 -39.47 10.23
C ASN B 87 7.23 -38.85 11.03
N GLU B 88 7.47 -37.65 11.58
CA GLU B 88 6.43 -36.93 12.31
C GLU B 88 5.28 -36.62 11.37
N LEU B 89 5.60 -36.08 10.20
CA LEU B 89 4.60 -35.72 9.21
C LEU B 89 3.87 -36.98 8.74
N GLU B 90 4.60 -38.04 8.41
CA GLU B 90 3.97 -39.29 7.97
C GLU B 90 3.11 -39.99 9.02
N ARG B 91 3.54 -40.02 10.28
CA ARG B 91 2.67 -40.52 11.35
C ARG B 91 1.35 -39.72 11.41
N GLY B 92 1.45 -38.40 11.37
CA GLY B 92 0.24 -37.55 11.32
C GLY B 92 -0.70 -37.86 10.16
N PHE B 93 -0.15 -38.11 8.98
CA PHE B 93 -0.94 -38.48 7.81
C PHE B 93 -1.61 -39.86 7.99
N ASN B 94 -0.84 -40.81 8.51
CA ASN B 94 -1.35 -42.14 8.76
C ASN B 94 -2.45 -42.21 9.82
N GLU B 95 -2.39 -41.34 10.82
CA GLU B 95 -3.38 -41.30 11.90
C GLU B 95 -4.62 -40.45 11.57
N GLY B 96 -4.68 -39.90 10.36
CA GLY B 96 -5.82 -39.09 9.93
C GLY B 96 -5.77 -37.72 10.57
N VAL B 97 -4.60 -37.29 11.05
CA VAL B 97 -4.45 -35.97 11.67
C VAL B 97 -4.12 -34.87 10.66
N PHE B 98 -3.04 -35.08 9.91
CA PHE B 98 -2.63 -34.12 8.89
C PHE B 98 -3.22 -34.51 7.54
N THR B 99 -4.02 -33.60 6.98
CA THR B 99 -4.56 -33.73 5.62
C THR B 99 -3.54 -33.30 4.57
N ALA B 100 -2.73 -32.29 4.94
CA ALA B 100 -1.74 -31.73 4.03
C ALA B 100 -0.64 -31.07 4.85
N ALA B 101 0.41 -30.60 4.17
CA ALA B 101 1.47 -29.82 4.80
C ALA B 101 1.64 -28.48 4.07
N LEU B 103 3.88 -25.11 3.10
CA LEU B 103 5.19 -24.47 2.93
C LEU B 103 5.04 -22.93 2.99
N TYR B 104 5.58 -22.33 4.05
CA TYR B 104 5.75 -20.89 4.17
C TYR B 104 7.23 -20.55 3.99
N PRO B 105 7.59 -19.80 2.96
CA PRO B 105 8.99 -19.34 2.88
C PRO B 105 9.27 -18.46 4.08
N ALA B 106 10.42 -18.69 4.71
CA ALA B 106 10.81 -17.96 5.91
C ALA B 106 10.64 -16.45 5.71
N ASN B 107 9.88 -15.82 6.61
CA ASN B 107 9.66 -14.36 6.64
C ASN B 107 8.75 -13.76 5.54
N ALA B 108 8.13 -14.64 4.74
CA ALA B 108 7.25 -14.16 3.67
C ALA B 108 5.91 -13.64 4.14
N THR B 109 5.41 -14.13 5.28
CA THR B 109 4.04 -13.85 5.64
C THR B 109 3.79 -13.90 7.16
N THR B 110 2.51 -13.89 7.53
CA THR B 110 2.13 -13.90 8.95
C THR B 110 2.65 -15.19 9.61
N ASN B 111 3.38 -15.03 10.72
CA ASN B 111 3.90 -16.14 11.55
C ASN B 111 4.74 -17.12 10.72
N SER B 112 5.68 -16.56 9.97
CA SER B 112 6.51 -17.35 9.02
C SER B 112 8.01 -17.31 9.36
N SER B 113 8.38 -16.68 10.48
CA SER B 113 9.77 -16.61 10.89
C SER B 113 10.38 -18.00 11.06
N HIS B 114 9.54 -18.99 11.41
CA HIS B 114 9.96 -20.38 11.60
C HIS B 114 9.86 -21.21 10.31
N GLY B 115 9.63 -20.53 9.18
CA GLY B 115 9.24 -21.19 7.94
C GLY B 115 10.42 -21.82 7.23
N VAL B 116 10.17 -22.38 6.05
CA VAL B 116 11.17 -23.11 5.27
C VAL B 116 12.16 -22.14 4.63
N THR B 117 13.45 -22.40 4.79
CA THR B 117 14.46 -21.49 4.23
C THR B 117 14.86 -21.86 2.80
N SER B 118 14.77 -23.15 2.45
CA SER B 118 14.85 -23.58 1.04
C SER B 118 14.17 -24.93 0.86
N VAL B 119 13.81 -25.24 -0.40
CA VAL B 119 13.36 -26.57 -0.78
C VAL B 119 14.43 -27.64 -0.49
N ASP B 120 15.70 -27.32 -0.76
CA ASP B 120 16.78 -28.29 -0.55
C ASP B 120 16.84 -28.76 0.91
N ALA B 121 16.54 -27.84 1.83
CA ALA B 121 16.58 -28.16 3.25
C ALA B 121 15.52 -29.18 3.69
N ILE B 122 14.45 -29.32 2.91
CA ILE B 122 13.31 -30.18 3.27
C ILE B 122 13.00 -31.27 2.22
N MET B 123 13.96 -31.58 1.35
CA MET B 123 13.72 -32.60 0.32
C MET B 123 13.29 -33.93 0.90
N PRO B 124 13.92 -34.40 1.98
CA PRO B 124 13.45 -35.73 2.44
C PRO B 124 11.99 -35.71 2.85
N VAL B 125 11.55 -34.60 3.40
CA VAL B 125 10.15 -34.42 3.76
C VAL B 125 9.25 -34.37 2.52
N LEU B 126 9.66 -33.64 1.49
CA LEU B 126 8.86 -33.56 0.26
C LEU B 126 8.83 -34.90 -0.49
N GLU B 127 9.94 -35.64 -0.43
CA GLU B 127 10.02 -36.94 -1.10
C GLU B 127 9.04 -37.90 -0.42
N ARG B 128 8.93 -37.80 0.91
CA ARG B 128 8.01 -38.64 1.67
C ARG B 128 6.57 -38.24 1.41
N MET B 129 6.29 -36.92 1.34
CA MET B 129 4.96 -36.49 0.92
C MET B 129 4.61 -37.03 -0.48
N GLU B 130 5.55 -36.94 -1.40
CA GLU B 130 5.33 -37.46 -2.74
C GLU B 130 5.00 -38.96 -2.69
N LYS B 131 5.79 -39.70 -1.90
CA LYS B 131 5.59 -41.14 -1.77
C LYS B 131 4.23 -41.49 -1.15
N ILE B 132 3.79 -40.76 -0.12
CA ILE B 132 2.53 -41.14 0.57
C ILE B 132 1.27 -40.54 -0.03
N GLY B 133 1.43 -39.63 -0.98
CA GLY B 133 0.31 -38.95 -1.64
C GLY B 133 -0.25 -37.80 -0.81
N MET B 134 0.58 -37.16 0.00
CA MET B 134 0.08 -36.03 0.80
C MET B 134 0.29 -34.75 -0.01
N PRO B 135 -0.77 -33.93 -0.16
CA PRO B 135 -0.63 -32.70 -0.93
C PRO B 135 0.24 -31.66 -0.24
N LEU B 136 0.99 -30.90 -1.04
CA LEU B 136 1.85 -29.81 -0.57
C LEU B 136 1.10 -28.54 -0.88
N LEU B 137 0.82 -27.74 0.14
CA LEU B 137 0.16 -26.43 -0.05
C LEU B 137 1.26 -25.38 0.00
N VAL B 138 1.29 -24.48 -0.98
CA VAL B 138 2.43 -23.61 -1.12
C VAL B 138 2.02 -22.14 -1.09
N HIS B 139 2.63 -21.40 -0.16
CA HIS B 139 2.61 -19.94 -0.21
C HIS B 139 3.75 -19.57 -1.14
N GLY B 140 3.43 -19.35 -2.41
CA GLY B 140 4.46 -19.12 -3.45
C GLY B 140 4.93 -17.68 -3.66
N GLU B 141 5.84 -17.24 -2.78
CA GLU B 141 6.59 -16.00 -2.91
C GLU B 141 8.04 -16.21 -2.45
N VAL B 142 8.95 -15.58 -3.18
CA VAL B 142 10.32 -15.37 -2.75
C VAL B 142 10.34 -14.20 -1.79
N THR B 143 11.45 -14.09 -1.06
CA THR B 143 11.55 -13.18 0.07
C THR B 143 12.82 -12.32 0.05
N HIS B 144 13.70 -12.49 -0.94
CA HIS B 144 14.97 -11.75 -1.01
CA HIS B 144 14.97 -11.73 -0.96
C HIS B 144 14.65 -10.25 -0.88
N ALA B 145 15.29 -9.54 0.04
CA ALA B 145 14.96 -8.13 0.33
C ALA B 145 15.01 -7.26 -0.92
N ASP B 146 15.84 -7.65 -1.87
CA ASP B 146 16.07 -6.96 -3.14
CA ASP B 146 16.06 -6.94 -3.14
C ASP B 146 14.92 -7.03 -4.15
N ILE B 147 13.99 -7.93 -3.95
CA ILE B 147 12.96 -8.18 -4.93
C ILE B 147 11.72 -7.36 -4.59
N ASP B 148 11.25 -6.58 -5.55
CA ASP B 148 10.01 -5.80 -5.35
C ASP B 148 8.81 -6.70 -4.99
N ILE B 149 8.08 -6.30 -3.97
CA ILE B 149 6.95 -7.06 -3.44
C ILE B 149 5.95 -7.59 -4.50
N PHE B 150 5.68 -6.77 -5.53
CA PHE B 150 4.69 -7.12 -6.54
C PHE B 150 5.19 -8.22 -7.50
N ASP B 151 6.50 -8.44 -7.47
CA ASP B 151 7.18 -9.42 -8.33
C ASP B 151 7.43 -10.78 -7.61
N ARG B 152 7.11 -10.88 -6.33
CA ARG B 152 7.59 -12.01 -5.53
C ARG B 152 6.87 -13.31 -5.89
N GLU B 153 5.61 -13.20 -6.30
CA GLU B 153 4.85 -14.37 -6.74
C GLU B 153 5.36 -14.90 -8.09
N ALA B 154 5.51 -14.01 -9.08
CA ALA B 154 6.04 -14.41 -10.40
C ALA B 154 7.42 -15.02 -10.27
N ARG B 155 8.29 -14.37 -9.48
CA ARG B 155 9.67 -14.85 -9.32
C ARG B 155 9.72 -16.26 -8.70
N PHE B 156 8.79 -16.54 -7.82
CA PHE B 156 8.69 -17.85 -7.18
C PHE B 156 8.42 -18.97 -8.18
N ILE B 157 7.56 -18.71 -9.16
CA ILE B 157 7.14 -19.72 -10.13
C ILE B 157 8.36 -20.25 -10.84
N GLU B 158 9.12 -19.29 -11.35
CA GLU B 158 10.35 -19.48 -12.09
C GLU B 158 11.45 -20.13 -11.27
N SER B 159 11.70 -19.60 -10.07
CA SER B 159 12.85 -20.04 -9.30
C SER B 159 12.61 -21.19 -8.33
N VAL B 160 11.37 -21.39 -7.88
CA VAL B 160 11.12 -22.42 -6.89
C VAL B 160 10.08 -23.46 -7.31
N MET B 161 8.90 -22.99 -7.72
CA MET B 161 7.80 -23.91 -8.07
C MET B 161 8.13 -24.85 -9.24
N GLU B 162 8.52 -24.29 -10.38
CA GLU B 162 8.81 -25.14 -11.56
C GLU B 162 9.94 -26.15 -11.30
N PRO B 163 11.07 -25.71 -10.68
CA PRO B 163 12.10 -26.70 -10.38
C PRO B 163 11.66 -27.84 -9.49
N LEU B 164 10.97 -27.50 -8.39
CA LEU B 164 10.36 -28.45 -7.45
C LEU B 164 9.47 -29.47 -8.16
N ARG B 165 8.56 -28.99 -8.98
CA ARG B 165 7.59 -29.88 -9.61
C ARG B 165 8.29 -30.75 -10.65
N GLN B 166 9.33 -30.23 -11.31
CA GLN B 166 10.16 -31.03 -12.21
C GLN B 166 10.95 -32.08 -11.45
N ARG B 167 11.28 -31.80 -10.19
CA ARG B 167 12.05 -32.74 -9.40
C ARG B 167 11.18 -33.82 -8.78
N LEU B 168 9.99 -33.44 -8.31
CA LEU B 168 9.04 -34.39 -7.71
C LEU B 168 7.77 -34.41 -8.58
N THR B 169 7.86 -35.17 -9.66
CA THR B 169 6.87 -35.17 -10.74
C THR B 169 5.54 -35.77 -10.29
N ALA B 170 5.52 -36.51 -9.18
CA ALA B 170 4.26 -37.05 -8.63
C ALA B 170 3.75 -36.30 -7.40
N LEU B 171 4.44 -35.23 -6.97
CA LEU B 171 3.95 -34.45 -5.82
C LEU B 171 2.73 -33.61 -6.19
N LYS B 172 1.70 -33.68 -5.36
CA LYS B 172 0.49 -32.90 -5.60
C LYS B 172 0.68 -31.58 -4.90
N VAL B 173 0.44 -30.49 -5.63
CA VAL B 173 0.70 -29.14 -5.16
C VAL B 173 -0.53 -28.26 -5.33
N VAL B 174 -0.89 -27.56 -4.26
CA VAL B 174 -1.84 -26.44 -4.37
C VAL B 174 -1.05 -25.13 -4.27
N PHE B 175 -1.06 -24.39 -5.38
CA PHE B 175 -0.53 -23.04 -5.41
C PHE B 175 -1.60 -22.19 -4.72
N GLU B 176 -1.37 -21.88 -3.45
CA GLU B 176 -2.40 -21.21 -2.67
C GLU B 176 -2.56 -19.74 -3.07
N HIS B 177 -3.74 -19.19 -2.74
CA HIS B 177 -4.12 -17.77 -2.96
C HIS B 177 -3.32 -17.11 -4.08
N ILE B 178 -3.57 -17.51 -5.32
CA ILE B 178 -2.81 -16.94 -6.40
C ILE B 178 -3.37 -15.57 -6.72
N THR B 179 -2.50 -14.71 -7.22
CA THR B 179 -2.76 -13.28 -7.36
C THR B 179 -2.36 -12.66 -8.69
N THR B 180 -1.74 -13.45 -9.56
CA THR B 180 -1.20 -12.95 -10.81
C THR B 180 -1.66 -13.77 -12.01
N LYS B 181 -1.60 -13.13 -13.17
CA LYS B 181 -1.72 -13.77 -14.47
C LYS B 181 -0.64 -14.84 -14.64
N ASP B 182 0.58 -14.55 -14.18
CA ASP B 182 1.69 -15.50 -14.17
C ASP B 182 1.26 -16.82 -13.54
N ALA B 183 0.69 -16.76 -12.35
CA ALA B 183 0.25 -17.96 -11.63
C ALA B 183 -0.99 -18.60 -12.27
N ALA B 184 -1.93 -17.77 -12.74
CA ALA B 184 -3.15 -18.24 -13.39
C ALA B 184 -2.81 -19.04 -14.67
N ASP B 185 -1.90 -18.51 -15.50
CA ASP B 185 -1.46 -19.23 -16.73
C ASP B 185 -0.68 -20.49 -16.37
N TYR B 186 0.19 -20.37 -15.37
CA TYR B 186 0.96 -21.49 -14.88
C TYR B 186 0.08 -22.65 -14.44
N VAL B 187 -0.98 -22.32 -13.70
CA VAL B 187 -1.89 -23.33 -13.18
C VAL B 187 -2.74 -23.90 -14.35
N ARG B 188 -3.26 -22.99 -15.17
CA ARG B 188 -4.04 -23.34 -16.35
C ARG B 188 -3.34 -24.33 -17.24
N ASP B 189 -2.03 -24.19 -17.40
CA ASP B 189 -1.22 -25.03 -18.28
C ASP B 189 -0.57 -26.21 -17.57
N GLY B 190 -0.81 -26.37 -16.28
CA GLY B 190 -0.24 -27.47 -15.51
C GLY B 190 -0.96 -28.79 -15.72
N ASN B 191 -0.43 -29.83 -15.08
CA ASN B 191 -1.06 -31.13 -15.07
C ASN B 191 -2.01 -31.34 -13.89
N GLU B 192 -2.54 -32.55 -13.82
CA GLU B 192 -3.55 -32.87 -12.84
C GLU B 192 -3.01 -32.90 -11.43
N ARG B 193 -1.69 -32.78 -11.25
CA ARG B 193 -1.07 -32.77 -9.93
CA ARG B 193 -1.13 -32.75 -9.91
C ARG B 193 -0.87 -31.34 -9.41
N LEU B 194 -1.47 -30.34 -10.09
CA LEU B 194 -1.35 -28.93 -9.74
C LEU B 194 -2.71 -28.25 -9.70
N ALA B 195 -2.97 -27.55 -8.61
CA ALA B 195 -4.22 -26.84 -8.40
C ALA B 195 -3.92 -25.48 -7.77
N ALA B 196 -4.97 -24.70 -7.57
CA ALA B 196 -4.81 -23.41 -6.90
C ALA B 196 -6.09 -23.00 -6.17
N THR B 197 -5.93 -22.17 -5.14
CA THR B 197 -7.06 -21.48 -4.51
C THR B 197 -7.00 -20.00 -4.82
N ILE B 198 -8.15 -19.35 -4.82
CA ILE B 198 -8.22 -17.89 -5.02
C ILE B 198 -9.18 -17.35 -3.98
N THR B 199 -8.80 -16.21 -3.38
CA THR B 199 -9.57 -15.57 -2.35
C THR B 199 -10.65 -14.71 -2.95
N PRO B 200 -11.64 -14.31 -2.16
CA PRO B 200 -12.60 -13.36 -2.72
C PRO B 200 -11.97 -12.01 -3.05
N GLN B 201 -11.03 -11.53 -2.22
CA GLN B 201 -10.49 -10.16 -2.42
C GLN B 201 -9.64 -10.04 -3.67
N HIS B 202 -8.90 -11.08 -4.01
CA HIS B 202 -8.13 -11.04 -5.26
C HIS B 202 -8.99 -11.14 -6.54
N LEU B 203 -10.23 -11.61 -6.42
CA LEU B 203 -11.19 -11.60 -7.52
C LEU B 203 -11.92 -10.25 -7.64
N MET B 204 -12.24 -9.66 -6.49
CA MET B 204 -13.08 -8.48 -6.35
CA MET B 204 -13.08 -8.47 -6.42
C MET B 204 -12.32 -7.16 -6.54
N PHE B 205 -11.06 -7.13 -6.12
CA PHE B 205 -10.27 -5.88 -6.10
C PHE B 205 -8.88 -6.00 -6.73
N ASN B 206 -8.24 -4.85 -6.93
CA ASN B 206 -6.84 -4.80 -7.34
C ASN B 206 -6.16 -3.80 -6.42
N ARG B 207 -4.89 -3.52 -6.65
CA ARG B 207 -4.16 -2.71 -5.70
C ARG B 207 -4.70 -1.27 -5.61
N ASN B 208 -5.33 -0.78 -6.67
CA ASN B 208 -5.92 0.58 -6.63
C ASN B 208 -6.97 0.70 -5.53
N HIS B 209 -7.74 -0.37 -5.31
CA HIS B 209 -8.78 -0.33 -4.27
C HIS B 209 -8.19 -0.21 -2.86
N MET B 210 -6.96 -0.68 -2.69
CA MET B 210 -6.27 -0.55 -1.42
C MET B 210 -5.54 0.76 -1.25
N LEU B 211 -5.23 1.45 -2.34
CA LEU B 211 -4.34 2.65 -2.29
C LEU B 211 -4.85 3.97 -2.86
N VAL B 212 -5.95 3.97 -3.62
CA VAL B 212 -6.44 5.19 -4.24
C VAL B 212 -7.45 5.80 -3.28
N GLY B 213 -7.32 7.08 -2.95
CA GLY B 213 -8.27 7.74 -2.07
C GLY B 213 -7.98 7.57 -0.59
N GLY B 214 -6.96 6.78 -0.27
CA GLY B 214 -6.56 6.49 1.10
C GLY B 214 -5.94 5.13 1.12
N VAL B 215 -5.22 4.82 2.19
CA VAL B 215 -4.64 3.50 2.35
C VAL B 215 -5.60 2.68 3.18
N ARG B 216 -5.98 1.53 2.65
CA ARG B 216 -6.97 0.65 3.28
C ARG B 216 -6.39 -0.62 3.87
N PRO B 217 -6.04 -0.56 5.17
CA PRO B 217 -5.35 -1.72 5.75
C PRO B 217 -6.19 -3.00 5.78
N HIS B 218 -7.52 -2.92 5.77
CA HIS B 218 -8.36 -4.11 5.78
C HIS B 218 -8.33 -4.86 4.42
N LEU B 219 -7.78 -4.23 3.39
CA LEU B 219 -7.50 -4.90 2.12
C LEU B 219 -6.03 -5.33 1.99
N TYR B 220 -5.20 -4.98 2.96
CA TYR B 220 -3.81 -5.39 2.99
C TYR B 220 -3.72 -6.85 3.42
N CYS B 221 -3.16 -7.64 2.53
CA CYS B 221 -3.03 -9.06 2.75
C CYS B 221 -1.95 -9.48 1.78
N LEU B 222 -1.50 -10.72 1.96
CA LEU B 222 -0.44 -11.31 1.16
C LEU B 222 -1.02 -12.56 0.45
N PRO B 223 -0.54 -12.88 -0.76
CA PRO B 223 0.34 -12.05 -1.54
C PRO B 223 -0.41 -10.77 -1.85
N ILE B 224 0.37 -9.71 -1.93
CA ILE B 224 -0.17 -8.36 -2.15
C ILE B 224 -1.10 -8.26 -3.37
N LEU B 225 -2.18 -7.48 -3.24
CA LEU B 225 -3.07 -7.19 -4.35
C LEU B 225 -2.25 -6.62 -5.50
N LYS B 226 -2.48 -7.15 -6.71
CA LYS B 226 -1.72 -6.78 -7.88
C LYS B 226 -2.49 -5.80 -8.79
N ARG B 227 -1.89 -5.54 -9.96
CA ARG B 227 -2.52 -4.73 -11.02
C ARG B 227 -3.82 -5.28 -11.49
N ASN B 228 -4.67 -4.39 -12.03
CA ASN B 228 -5.95 -4.84 -12.57
C ASN B 228 -5.81 -5.96 -13.62
N ILE B 229 -4.75 -5.94 -14.44
CA ILE B 229 -4.56 -6.98 -15.48
C ILE B 229 -4.47 -8.37 -14.85
N HIS B 230 -3.85 -8.44 -13.68
CA HIS B 230 -3.79 -9.68 -12.90
C HIS B 230 -5.14 -10.09 -12.31
N GLN B 231 -5.84 -9.12 -11.72
CA GLN B 231 -7.18 -9.35 -11.21
C GLN B 231 -8.10 -9.89 -12.32
N GLN B 232 -7.99 -9.32 -13.51
CA GLN B 232 -8.84 -9.70 -14.61
C GLN B 232 -8.50 -11.14 -15.03
N ALA B 233 -7.23 -11.51 -15.00
CA ALA B 233 -6.83 -12.89 -15.31
C ALA B 233 -7.37 -13.94 -14.34
N LEU B 234 -7.43 -13.60 -13.06
CA LEU B 234 -7.94 -14.48 -12.04
C LEU B 234 -9.43 -14.69 -12.22
N ARG B 235 -10.16 -13.60 -12.47
CA ARG B 235 -11.60 -13.70 -12.78
C ARG B 235 -11.90 -14.58 -14.02
N GLU B 236 -11.11 -14.40 -15.06
CA GLU B 236 -11.25 -15.19 -16.27
C GLU B 236 -11.00 -16.67 -16.00
N LEU B 237 -10.01 -16.96 -15.16
CA LEU B 237 -9.67 -18.34 -14.81
C LEU B 237 -10.81 -19.09 -14.11
N VAL B 238 -11.38 -18.50 -13.04
CA VAL B 238 -12.50 -19.11 -12.32
C VAL B 238 -13.77 -19.15 -13.17
N ALA B 239 -13.97 -18.13 -14.02
CA ALA B 239 -15.13 -18.03 -14.89
C ALA B 239 -15.15 -19.05 -16.01
N SER B 240 -13.97 -19.54 -16.38
CA SER B 240 -13.79 -20.45 -17.51
C SER B 240 -14.29 -21.86 -17.22
N GLY B 241 -14.52 -22.18 -15.95
CA GLY B 241 -14.85 -23.54 -15.53
C GLY B 241 -13.66 -24.46 -15.37
N PHE B 242 -12.44 -23.92 -15.48
CA PHE B 242 -11.24 -24.69 -15.19
C PHE B 242 -11.40 -25.37 -13.83
N ASN B 243 -11.16 -26.68 -13.77
CA ASN B 243 -11.58 -27.43 -12.59
C ASN B 243 -10.51 -27.78 -11.53
N ARG B 244 -9.31 -27.21 -11.67
CA ARG B 244 -8.27 -27.32 -10.65
C ARG B 244 -8.00 -25.96 -10.04
N VAL B 245 -9.05 -25.15 -10.01
CA VAL B 245 -9.09 -23.98 -9.13
C VAL B 245 -10.28 -24.17 -8.21
N PHE B 246 -10.12 -23.81 -6.95
CA PHE B 246 -11.23 -23.94 -6.03
C PHE B 246 -11.19 -22.93 -4.89
N LEU B 247 -12.28 -22.91 -4.15
CA LEU B 247 -12.50 -21.99 -3.05
C LEU B 247 -11.49 -22.14 -1.90
N GLY B 248 -10.77 -21.06 -1.64
CA GLY B 248 -9.93 -20.90 -0.46
C GLY B 248 -9.99 -19.45 0.00
N THR B 249 -10.68 -19.19 1.11
CA THR B 249 -10.94 -17.80 1.46
C THR B 249 -9.65 -17.05 1.84
N ASP B 250 -8.71 -17.79 2.39
CA ASP B 250 -7.63 -17.27 3.19
C ASP B 250 -8.15 -16.26 4.24
N SER B 251 -9.32 -16.53 4.84
CA SER B 251 -9.82 -15.70 5.98
C SER B 251 -8.71 -15.66 7.02
N ALA B 252 -8.28 -14.45 7.37
CA ALA B 252 -7.05 -14.27 8.13
C ALA B 252 -7.24 -13.10 9.09
N PRO B 253 -7.93 -13.37 10.20
CA PRO B 253 -8.37 -12.27 11.10
C PRO B 253 -7.29 -11.75 12.00
N HIS B 254 -7.32 -10.43 12.22
CA HIS B 254 -6.48 -9.74 13.17
C HIS B 254 -7.37 -8.71 13.87
N ALA B 255 -7.08 -8.44 15.12
CA ALA B 255 -7.86 -7.43 15.88
C ALA B 255 -7.72 -6.07 15.19
N ARG B 256 -8.77 -5.25 15.25
CA ARG B 256 -8.78 -3.95 14.58
C ARG B 256 -7.51 -3.12 14.88
N ALA B 257 -7.05 -3.14 16.12
CA ALA B 257 -5.91 -2.32 16.53
C ALA B 257 -4.64 -2.83 15.85
N ARG B 258 -4.61 -4.13 15.56
CA ARG B 258 -3.44 -4.72 14.87
C ARG B 258 -3.44 -4.41 13.39
N LYS B 259 -4.61 -4.20 12.83
CA LYS B 259 -4.79 -3.81 11.44
C LYS B 259 -4.54 -2.31 11.23
N GLU B 260 -4.96 -1.48 12.18
CA GLU B 260 -4.95 -0.05 11.95
C GLU B 260 -3.84 0.69 12.68
N SER B 261 -2.67 0.09 12.75
CA SER B 261 -1.54 0.61 13.48
C SER B 261 -0.54 1.24 12.51
N SER B 262 0.59 1.69 13.02
CA SER B 262 1.68 2.17 12.17
C SER B 262 2.30 1.03 11.35
N CYS B 263 1.97 -0.21 11.68
CA CYS B 263 2.51 -1.34 10.92
C CYS B 263 1.47 -2.41 10.92
N GLY B 264 0.51 -2.29 10.01
CA GLY B 264 -0.69 -3.10 10.05
C GLY B 264 -0.42 -4.53 9.60
N CYS B 265 -0.99 -5.51 10.29
CA CYS B 265 -0.84 -6.92 9.89
C CYS B 265 -1.53 -7.27 8.57
N ALA B 266 -0.98 -8.26 7.88
CA ALA B 266 -1.52 -8.77 6.65
C ALA B 266 -2.63 -9.78 6.89
N GLY B 267 -3.80 -9.53 6.28
CA GLY B 267 -4.94 -10.47 6.25
C GLY B 267 -6.33 -9.86 6.28
N CYS B 268 -7.23 -10.44 5.49
CA CYS B 268 -8.66 -10.04 5.41
C CYS B 268 -9.53 -11.05 6.15
N PHE B 269 -10.32 -10.55 7.11
CA PHE B 269 -11.34 -11.39 7.76
C PHE B 269 -12.56 -11.50 6.86
N ASN B 270 -12.53 -12.46 5.95
CA ASN B 270 -13.54 -12.52 4.92
C ASN B 270 -14.53 -13.68 5.12
N ALA B 271 -14.35 -14.51 6.15
CA ALA B 271 -15.28 -15.64 6.36
C ALA B 271 -16.74 -15.23 6.36
N PRO B 272 -17.08 -14.11 7.03
CA PRO B 272 -18.48 -13.74 7.09
C PRO B 272 -19.10 -13.44 5.72
N THR B 273 -18.31 -12.97 4.77
CA THR B 273 -18.84 -12.47 3.49
C THR B 273 -18.28 -13.14 2.23
N ALA B 274 -17.39 -14.11 2.41
CA ALA B 274 -16.69 -14.69 1.27
C ALA B 274 -17.62 -15.37 0.26
N LEU B 275 -18.54 -16.21 0.73
CA LEU B 275 -19.33 -17.02 -0.20
C LEU B 275 -20.22 -16.16 -1.10
N GLY B 276 -20.91 -15.18 -0.52
CA GLY B 276 -21.68 -14.22 -1.30
C GLY B 276 -20.88 -13.38 -2.27
N SER B 277 -19.64 -13.08 -1.89
CA SER B 277 -18.70 -12.34 -2.71
C SER B 277 -18.28 -13.15 -3.91
N TYR B 278 -17.95 -14.43 -3.69
CA TYR B 278 -17.69 -15.29 -4.85
C TYR B 278 -18.88 -15.33 -5.81
N ALA B 279 -20.08 -15.41 -5.25
CA ALA B 279 -21.30 -15.49 -6.04
C ALA B 279 -21.45 -14.29 -6.94
N THR B 280 -21.30 -13.07 -6.36
CA THR B 280 -21.21 -11.83 -7.15
C THR B 280 -20.19 -11.87 -8.29
N VAL B 281 -18.94 -12.27 -8.01
CA VAL B 281 -17.92 -12.40 -9.07
C VAL B 281 -18.38 -13.36 -10.16
N PHE B 282 -18.78 -14.58 -9.79
CA PHE B 282 -19.32 -15.51 -10.79
C PHE B 282 -20.51 -14.96 -11.59
N GLU B 283 -21.44 -14.31 -10.91
CA GLU B 283 -22.57 -13.70 -11.59
C GLU B 283 -22.08 -12.64 -12.57
N GLU B 284 -21.18 -11.77 -12.11
CA GLU B 284 -20.63 -10.72 -12.95
C GLU B 284 -19.94 -11.27 -14.20
N MET B 285 -19.30 -12.43 -14.07
CA MET B 285 -18.58 -13.04 -15.19
C MET B 285 -19.48 -13.92 -16.06
N ASN B 286 -20.77 -13.96 -15.77
CA ASN B 286 -21.68 -14.76 -16.54
C ASN B 286 -21.34 -16.24 -16.47
N ALA B 287 -20.99 -16.71 -15.28
CA ALA B 287 -20.41 -18.03 -15.09
C ALA B 287 -20.98 -18.75 -13.89
N LEU B 288 -22.23 -18.46 -13.51
CA LEU B 288 -22.82 -19.07 -12.32
C LEU B 288 -22.94 -20.60 -12.46
N GLN B 289 -23.00 -21.10 -13.70
CA GLN B 289 -23.01 -22.54 -13.94
C GLN B 289 -21.73 -23.20 -13.42
N HIS B 290 -20.67 -22.43 -13.25
CA HIS B 290 -19.40 -22.93 -12.74
C HIS B 290 -19.17 -22.72 -11.25
N PHE B 291 -20.08 -21.98 -10.63
CA PHE B 291 -19.95 -21.59 -9.22
C PHE B 291 -19.92 -22.80 -8.28
N GLU B 292 -20.91 -23.64 -8.40
CA GLU B 292 -20.97 -24.79 -7.51
C GLU B 292 -19.67 -25.58 -7.56
N ALA B 293 -19.13 -25.84 -8.75
CA ALA B 293 -17.94 -26.71 -8.85
C ALA B 293 -16.74 -26.10 -8.10
N PHE B 294 -16.59 -24.77 -8.22
CA PHE B 294 -15.54 -24.04 -7.53
C PHE B 294 -15.64 -24.15 -6.01
N CYS B 295 -16.86 -24.03 -5.50
CA CYS B 295 -17.14 -23.99 -4.08
C CYS B 295 -17.13 -25.39 -3.42
N SER B 296 -17.51 -26.43 -4.16
CA SER B 296 -18.07 -27.67 -3.58
C SER B 296 -17.66 -29.01 -4.23
N VAL B 297 -16.92 -28.97 -5.34
CA VAL B 297 -16.60 -30.20 -6.14
C VAL B 297 -15.11 -30.28 -6.50
N ASN B 298 -14.56 -29.21 -7.08
CA ASN B 298 -13.16 -29.16 -7.54
C ASN B 298 -12.16 -29.45 -6.42
N GLY B 299 -12.34 -28.83 -5.23
CA GLY B 299 -11.45 -29.10 -4.10
C GLY B 299 -11.47 -30.59 -3.66
N PRO B 300 -12.67 -31.12 -3.39
CA PRO B 300 -12.78 -32.53 -3.05
C PRO B 300 -12.16 -33.45 -4.09
N GLN B 301 -12.36 -33.16 -5.38
CA GLN B 301 -11.75 -33.97 -6.45
C GLN B 301 -10.23 -33.97 -6.34
N PHE B 302 -9.64 -32.79 -6.18
CA PHE B 302 -8.18 -32.67 -6.12
C PHE B 302 -7.64 -33.39 -4.89
N TYR B 303 -8.33 -33.23 -3.76
CA TYR B 303 -7.90 -33.85 -2.50
C TYR B 303 -8.24 -35.32 -2.34
N GLY B 304 -9.08 -35.85 -3.24
CA GLY B 304 -9.47 -37.26 -3.20
C GLY B 304 -10.47 -37.52 -2.09
N LEU B 305 -11.31 -36.52 -1.80
CA LEU B 305 -12.34 -36.62 -0.75
C LEU B 305 -13.73 -36.51 -1.34
N PRO B 306 -14.74 -37.08 -0.65
CA PRO B 306 -16.06 -37.07 -1.22
C PRO B 306 -16.63 -35.67 -1.19
N VAL B 307 -17.55 -35.40 -2.09
CA VAL B 307 -18.26 -34.13 -2.02
C VAL B 307 -19.26 -34.17 -0.87
N ASN B 308 -19.62 -33.00 -0.34
CA ASN B 308 -20.65 -32.91 0.69
C ASN B 308 -21.99 -33.39 0.17
N ASP B 309 -22.81 -33.94 1.05
CA ASP B 309 -24.10 -34.50 0.64
C ASP B 309 -25.27 -33.63 1.11
N THR B 310 -25.00 -32.41 1.55
CA THR B 310 -26.07 -31.46 1.86
C THR B 310 -25.97 -30.22 0.94
N PHE B 311 -27.01 -29.37 1.00
CA PHE B 311 -27.16 -28.22 0.10
C PHE B 311 -27.49 -26.96 0.90
N ILE B 312 -27.00 -25.84 0.40
CA ILE B 312 -27.36 -24.51 0.91
C ILE B 312 -27.87 -23.64 -0.23
N GLU B 313 -28.51 -22.52 0.15
CA GLU B 313 -29.07 -21.60 -0.81
C GLU B 313 -28.49 -20.23 -0.60
N LEU B 314 -28.19 -19.54 -1.71
CA LEU B 314 -27.87 -18.11 -1.69
C LEU B 314 -29.04 -17.39 -2.32
N VAL B 315 -29.37 -16.24 -1.76
CA VAL B 315 -30.46 -15.42 -2.26
CA VAL B 315 -30.46 -15.42 -2.26
C VAL B 315 -29.88 -14.06 -2.69
N ARG B 316 -30.41 -13.51 -3.77
CA ARG B 316 -29.95 -12.24 -4.31
C ARG B 316 -30.73 -11.10 -3.68
N GLU B 317 -30.58 -10.97 -2.35
CA GLU B 317 -31.14 -9.88 -1.58
C GLU B 317 -30.05 -9.08 -0.89
N GLU B 318 -30.08 -7.76 -1.13
CA GLU B 318 -29.04 -6.83 -0.68
C GLU B 318 -29.08 -6.70 0.84
N GLN B 319 -27.94 -7.01 1.45
CA GLN B 319 -27.77 -7.06 2.89
C GLN B 319 -26.59 -6.18 3.36
N GLN B 320 -26.71 -5.65 4.57
CA GLN B 320 -25.68 -4.79 5.17
C GLN B 320 -24.68 -5.63 5.98
N VAL B 321 -23.39 -5.53 5.64
CA VAL B 321 -22.34 -6.17 6.40
C VAL B 321 -22.07 -5.35 7.67
N ALA B 322 -21.92 -6.03 8.80
CA ALA B 322 -21.62 -5.38 10.07
C ALA B 322 -20.35 -4.52 9.99
N GLU B 323 -20.34 -3.41 10.72
CA GLU B 323 -19.14 -2.55 10.79
C GLU B 323 -18.02 -3.22 11.59
N SER B 324 -18.40 -3.97 12.62
CA SER B 324 -17.45 -4.70 13.44
C SER B 324 -18.08 -5.84 14.18
N ILE B 325 -17.22 -6.72 14.70
CA ILE B 325 -17.60 -7.93 15.40
C ILE B 325 -16.80 -7.86 16.68
N ALA B 326 -17.49 -8.05 17.81
CA ALA B 326 -16.88 -7.91 19.12
C ALA B 326 -15.97 -9.08 19.43
N LEU B 327 -14.83 -8.79 20.04
CA LEU B 327 -13.96 -9.78 20.71
C LEU B 327 -14.04 -9.38 22.17
N THR B 328 -13.44 -10.16 23.07
CA THR B 328 -13.53 -9.79 24.48
C THR B 328 -12.78 -8.49 24.78
N ASP B 329 -11.52 -8.41 24.36
CA ASP B 329 -10.70 -7.23 24.61
C ASP B 329 -10.25 -6.58 23.31
N ASP B 330 -11.15 -6.53 22.32
CA ASP B 330 -10.83 -6.03 20.98
C ASP B 330 -12.08 -5.96 20.10
N THR B 331 -11.92 -5.45 18.89
CA THR B 331 -12.88 -5.70 17.82
C THR B 331 -12.23 -6.25 16.55
N LEU B 332 -13.10 -6.76 15.68
CA LEU B 332 -12.74 -7.39 14.43
CA LEU B 332 -12.74 -7.41 14.43
C LEU B 332 -13.55 -6.76 13.31
N VAL B 333 -12.86 -6.26 12.28
CA VAL B 333 -13.52 -5.61 11.14
C VAL B 333 -13.68 -6.58 9.99
N PRO B 334 -14.93 -6.94 9.65
CA PRO B 334 -15.07 -7.89 8.54
C PRO B 334 -14.69 -7.28 7.19
N PHE B 335 -14.23 -8.14 6.28
CA PHE B 335 -14.17 -7.81 4.86
C PHE B 335 -15.54 -7.28 4.39
N LEU B 336 -15.48 -6.18 3.65
CA LEU B 336 -16.67 -5.39 3.25
C LEU B 336 -17.51 -4.77 4.38
N ALA B 337 -16.90 -4.53 5.53
CA ALA B 337 -17.58 -3.87 6.64
C ALA B 337 -18.36 -2.60 6.22
N GLY B 338 -19.64 -2.55 6.57
CA GLY B 338 -20.50 -1.42 6.21
C GLY B 338 -20.99 -1.42 4.78
N GLU B 339 -20.53 -2.34 3.93
CA GLU B 339 -20.98 -2.43 2.54
C GLU B 339 -22.35 -3.10 2.44
N THR B 340 -23.07 -2.83 1.35
CA THR B 340 -24.22 -3.64 0.95
C THR B 340 -23.66 -4.78 0.10
N VAL B 341 -24.02 -6.03 0.43
CA VAL B 341 -23.56 -7.21 -0.31
C VAL B 341 -24.77 -7.83 -1.04
N ARG B 342 -24.55 -8.36 -2.23
CA ARG B 342 -25.65 -8.66 -3.16
C ARG B 342 -26.29 -10.02 -2.88
N TRP B 343 -25.46 -10.97 -2.51
CA TRP B 343 -25.88 -12.33 -2.25
C TRP B 343 -25.63 -12.63 -0.78
N SER B 344 -26.60 -13.25 -0.16
CA SER B 344 -26.50 -13.73 1.22
CA SER B 344 -26.41 -13.77 1.19
C SER B 344 -26.95 -15.19 1.32
N VAL B 345 -26.37 -15.94 2.26
CA VAL B 345 -26.76 -17.33 2.53
C VAL B 345 -28.14 -17.42 3.18
N LYS B 346 -29.08 -18.10 2.55
CA LYS B 346 -30.46 -18.21 3.06
C LYS B 346 -30.51 -19.09 4.30
#